data_7AGK
#
_entry.id   7AGK
#
_cell.length_a   47.548
_cell.length_b   91.856
_cell.length_c   312.142
_cell.angle_alpha   90.000
_cell.angle_beta   90.000
_cell.angle_gamma   90.000
#
_symmetry.space_group_name_H-M   'P 2 21 21'
#
loop_
_entity.id
_entity.type
_entity.pdbx_description
1 polymer 'Sulfofructose kinase'
2 non-polymer '[(2~{S},3~{S},4~{S},5~{R})-3,4,5-tris(oxidanyl)-5-(phosphonooxymethyl)oxolan-2-yl]methanesulfonic acid'
#
_entity_poly.entity_id   1
_entity_poly.type   'polypeptide(L)'
_entity_poly.pdbx_seq_one_letter_code
;MIRVACVGITVMDRIYYVEGLPTESGKYVARNYTEVGGGPAATAAVAAARLGAQVDFIGRVGDDDTGNSLLAELESWGVN
TRYTKRYNQAKSSQSAIMVDTKGERIIINYPSPDLLPDAEWLEEIDFSQWDVVLADVRWHDGAKKAFTLARQAGVMTVLD
GDITPQDISELVALSDHAAFSEPGLARLTGVKEMASALKQAQTLTNGHVYVTQGSAGCDWLENGGRQHQPAFKVDVVDTT
GAGDVFHGALAVALATSGDLAESVRFASGVAALKCTRPGGRAGIPDCDQTRSFLSLFVLEHHHHHH
;
_entity_poly.pdbx_strand_id   D,A,B,C
#
# COMPACT_ATOMS: atom_id res chain seq x y z
N ILE A 2 -12.52 15.79 -74.29
CA ILE A 2 -13.34 16.59 -73.34
C ILE A 2 -12.45 16.99 -72.16
N ARG A 3 -12.38 18.30 -71.84
CA ARG A 3 -11.62 18.81 -70.67
C ARG A 3 -12.62 18.93 -69.48
N VAL A 4 -12.35 18.23 -68.36
CA VAL A 4 -13.24 18.14 -67.16
C VAL A 4 -12.47 18.59 -65.90
N ALA A 5 -13.10 19.40 -65.03
CA ALA A 5 -12.66 19.72 -63.65
C ALA A 5 -13.65 19.16 -62.61
N CYS A 6 -13.13 18.53 -61.56
CA CYS A 6 -13.94 18.02 -60.42
C CYS A 6 -13.54 18.79 -59.15
N VAL A 7 -14.46 19.57 -58.59
CA VAL A 7 -14.23 20.35 -57.35
C VAL A 7 -14.88 19.61 -56.19
N GLY A 8 -14.15 19.43 -55.08
CA GLY A 8 -14.69 18.89 -53.82
C GLY A 8 -13.61 18.22 -52.96
N ILE A 9 -13.99 17.12 -52.29
CA ILE A 9 -13.19 16.55 -51.16
C ILE A 9 -12.45 15.28 -51.62
N THR A 10 -11.27 15.02 -51.05
CA THR A 10 -10.44 13.78 -51.25
C THR A 10 -10.06 13.31 -49.84
N VAL A 11 -10.32 12.04 -49.51
CA VAL A 11 -10.19 11.44 -48.14
C VAL A 11 -9.49 10.08 -48.29
N MET A 12 -8.49 9.73 -47.47
CA MET A 12 -7.85 8.40 -47.56
C MET A 12 -8.61 7.44 -46.63
N ASP A 13 -9.27 6.43 -47.17
CA ASP A 13 -9.88 5.33 -46.37
C ASP A 13 -8.77 4.36 -45.94
N ARG A 14 -8.68 4.07 -44.64
CA ARG A 14 -7.78 3.05 -44.04
C ARG A 14 -8.64 1.88 -43.56
N ILE A 15 -8.73 0.84 -44.37
CA ILE A 15 -9.69 -0.29 -44.19
C ILE A 15 -9.01 -1.41 -43.39
N TYR A 16 -9.58 -1.75 -42.23
CA TYR A 16 -9.16 -2.87 -41.34
C TYR A 16 -10.21 -3.98 -41.41
N TYR A 17 -9.85 -5.16 -41.92
CA TYR A 17 -10.75 -6.36 -41.95
C TYR A 17 -10.54 -7.14 -40.64
N VAL A 18 -11.62 -7.29 -39.88
CA VAL A 18 -11.61 -7.80 -38.47
C VAL A 18 -12.56 -9.01 -38.42
N GLU A 19 -12.39 -9.89 -37.42
CA GLU A 19 -13.26 -11.09 -37.27
C GLU A 19 -14.66 -10.61 -36.88
N GLY A 20 -14.75 -9.81 -35.82
CA GLY A 20 -15.99 -9.11 -35.42
C GLY A 20 -15.73 -7.64 -35.17
N LEU A 21 -16.71 -6.79 -35.47
CA LEU A 21 -16.64 -5.34 -35.16
C LEU A 21 -16.36 -5.21 -33.66
N PRO A 22 -15.47 -4.30 -33.23
CA PRO A 22 -15.17 -4.08 -31.82
C PRO A 22 -16.36 -4.25 -30.86
N THR A 23 -17.33 -3.32 -30.85
CA THR A 23 -18.51 -3.30 -29.95
C THR A 23 -18.16 -2.82 -28.51
N GLU A 24 -17.35 -3.59 -27.75
CA GLU A 24 -16.82 -3.20 -26.42
C GLU A 24 -15.38 -2.70 -26.53
N SER A 25 -14.86 -2.06 -25.48
CA SER A 25 -13.48 -1.49 -25.38
C SER A 25 -12.42 -2.61 -25.43
N GLY A 26 -11.14 -2.23 -25.58
CA GLY A 26 -9.98 -3.12 -25.45
C GLY A 26 -9.24 -3.31 -26.77
N LYS A 27 -8.21 -4.18 -26.77
CA LYS A 27 -7.29 -4.39 -27.93
C LYS A 27 -7.84 -5.48 -28.85
N TYR A 28 -7.79 -5.26 -30.17
CA TYR A 28 -8.24 -6.20 -31.21
C TYR A 28 -7.19 -6.24 -32.33
N VAL A 29 -7.17 -7.29 -33.14
CA VAL A 29 -6.10 -7.50 -34.19
C VAL A 29 -6.78 -7.74 -35.54
N ALA A 30 -6.48 -6.90 -36.54
CA ALA A 30 -7.05 -7.00 -37.90
C ALA A 30 -6.36 -8.15 -38.63
N ARG A 31 -7.17 -9.01 -39.25
CA ARG A 31 -6.70 -10.11 -40.15
C ARG A 31 -6.03 -9.50 -41.40
N ASN A 32 -6.47 -8.31 -41.84
CA ASN A 32 -5.94 -7.69 -43.09
C ASN A 32 -6.23 -6.18 -43.16
N TYR A 33 -5.52 -5.45 -44.03
CA TYR A 33 -5.54 -3.96 -44.15
C TYR A 33 -5.33 -3.53 -45.61
N THR A 34 -6.05 -2.48 -46.05
CA THR A 34 -5.94 -1.85 -47.39
C THR A 34 -6.16 -0.33 -47.26
N GLU A 35 -5.46 0.44 -48.07
CA GLU A 35 -5.47 1.93 -48.07
C GLU A 35 -5.99 2.39 -49.43
N VAL A 36 -7.27 2.76 -49.51
CA VAL A 36 -7.90 3.21 -50.79
C VAL A 36 -8.38 4.67 -50.65
N GLY A 37 -8.06 5.49 -51.65
CA GLY A 37 -8.55 6.88 -51.69
C GLY A 37 -10.05 6.89 -51.94
N GLY A 38 -10.74 7.91 -51.44
CA GLY A 38 -12.16 8.17 -51.76
C GLY A 38 -12.48 9.66 -51.80
N GLY A 39 -13.79 9.93 -51.78
CA GLY A 39 -14.37 11.28 -51.91
C GLY A 39 -15.21 11.36 -53.18
N PRO A 40 -16.43 11.95 -53.13
CA PRO A 40 -17.27 12.05 -54.32
C PRO A 40 -16.56 12.65 -55.54
N ALA A 41 -16.04 13.87 -55.41
CA ALA A 41 -15.45 14.63 -56.54
C ALA A 41 -14.18 13.92 -57.00
N ALA A 42 -13.44 13.28 -56.08
CA ALA A 42 -12.19 12.55 -56.40
C ALA A 42 -12.49 11.30 -57.25
N THR A 43 -13.45 10.48 -56.83
CA THR A 43 -13.85 9.21 -57.54
C THR A 43 -14.48 9.58 -58.90
N ALA A 44 -15.33 10.60 -58.92
CA ALA A 44 -15.91 11.20 -60.15
C ALA A 44 -14.80 11.55 -61.14
N ALA A 45 -13.71 12.17 -60.67
CA ALA A 45 -12.54 12.53 -61.50
C ALA A 45 -11.91 11.25 -62.05
N VAL A 46 -11.61 10.30 -61.17
CA VAL A 46 -11.04 8.98 -61.59
C VAL A 46 -11.93 8.36 -62.68
N ALA A 47 -13.24 8.37 -62.52
CA ALA A 47 -14.17 7.78 -63.50
C ALA A 47 -13.99 8.47 -64.86
N ALA A 48 -13.96 9.80 -64.88
CA ALA A 48 -13.91 10.63 -66.10
C ALA A 48 -12.58 10.39 -66.82
N ALA A 49 -11.49 10.30 -66.07
CA ALA A 49 -10.13 10.00 -66.58
C ALA A 49 -10.11 8.61 -67.24
N ARG A 50 -10.70 7.59 -66.59
CA ARG A 50 -10.77 6.20 -67.12
C ARG A 50 -11.60 6.19 -68.41
N LEU A 51 -12.54 7.15 -68.58
CA LEU A 51 -13.34 7.32 -69.82
C LEU A 51 -12.59 8.15 -70.86
N GLY A 52 -11.41 8.68 -70.51
CA GLY A 52 -10.44 9.26 -71.45
C GLY A 52 -10.69 10.73 -71.69
N ALA A 53 -10.82 11.50 -70.62
CA ALA A 53 -10.98 12.96 -70.63
C ALA A 53 -9.73 13.60 -70.02
N GLN A 54 -9.40 14.84 -70.39
CA GLN A 54 -8.43 15.67 -69.62
C GLN A 54 -9.17 16.09 -68.35
N VAL A 55 -8.91 15.39 -67.24
CA VAL A 55 -9.63 15.54 -65.95
C VAL A 55 -8.68 16.18 -64.94
N ASP A 56 -9.13 17.26 -64.31
CA ASP A 56 -8.41 17.95 -63.20
C ASP A 56 -9.25 17.77 -61.92
N PHE A 57 -8.61 17.49 -60.78
CA PHE A 57 -9.22 17.50 -59.41
C PHE A 57 -8.76 18.75 -58.65
N ILE A 58 -9.70 19.60 -58.23
CA ILE A 58 -9.41 20.81 -57.42
C ILE A 58 -10.03 20.59 -56.03
N GLY A 59 -9.17 20.34 -55.03
CA GLY A 59 -9.56 20.18 -53.62
C GLY A 59 -8.40 20.58 -52.70
N ARG A 60 -8.43 20.16 -51.43
CA ARG A 60 -7.49 20.58 -50.38
C ARG A 60 -6.85 19.34 -49.72
N VAL A 61 -5.52 19.33 -49.55
CA VAL A 61 -4.79 18.27 -48.79
C VAL A 61 -3.76 18.95 -47.86
N GLY A 62 -3.16 18.16 -46.97
CA GLY A 62 -2.06 18.56 -46.09
C GLY A 62 -0.73 18.41 -46.78
N ASP A 63 0.35 18.76 -46.08
CA ASP A 63 1.78 18.56 -46.43
C ASP A 63 2.28 17.27 -45.75
N ASP A 64 1.37 16.43 -45.25
CA ASP A 64 1.68 15.18 -44.52
C ASP A 64 1.85 14.02 -45.52
N ASP A 65 2.29 12.85 -45.04
CA ASP A 65 2.44 11.61 -45.85
C ASP A 65 1.12 11.27 -46.55
N THR A 66 -0.01 11.39 -45.85
CA THR A 66 -1.36 11.04 -46.34
C THR A 66 -1.71 11.87 -47.58
N GLY A 67 -1.50 13.20 -47.49
CA GLY A 67 -1.68 14.14 -48.61
C GLY A 67 -0.97 13.61 -49.85
N ASN A 68 0.32 13.24 -49.68
CA ASN A 68 1.18 12.75 -50.78
C ASN A 68 0.58 11.45 -51.32
N SER A 69 0.23 10.50 -50.46
CA SER A 69 -0.39 9.21 -50.87
C SER A 69 -1.66 9.46 -51.71
N LEU A 70 -2.51 10.43 -51.30
CA LEU A 70 -3.83 10.70 -51.95
C LEU A 70 -3.62 11.25 -53.37
N LEU A 71 -2.76 12.27 -53.50
CA LEU A 71 -2.54 12.99 -54.77
C LEU A 71 -1.76 12.08 -55.73
N ALA A 72 -0.88 11.21 -55.22
CA ALA A 72 -0.09 10.24 -56.02
C ALA A 72 -1.03 9.20 -56.64
N GLU A 73 -1.99 8.69 -55.86
CA GLU A 73 -3.00 7.73 -56.35
C GLU A 73 -3.82 8.41 -57.47
N LEU A 74 -4.30 9.63 -57.25
CA LEU A 74 -5.10 10.38 -58.25
C LEU A 74 -4.31 10.45 -59.57
N GLU A 75 -3.03 10.83 -59.52
CA GLU A 75 -2.14 10.95 -60.70
C GLU A 75 -2.06 9.57 -61.37
N SER A 76 -1.75 8.53 -60.60
CA SER A 76 -1.60 7.14 -61.10
C SER A 76 -2.85 6.73 -61.91
N TRP A 77 -4.04 7.22 -61.55
CA TRP A 77 -5.32 6.96 -62.26
C TRP A 77 -5.49 7.91 -63.44
N GLY A 78 -4.54 8.81 -63.69
CA GLY A 78 -4.58 9.76 -64.82
C GLY A 78 -5.41 10.99 -64.51
N VAL A 79 -5.50 11.40 -63.23
CA VAL A 79 -6.18 12.66 -62.80
C VAL A 79 -5.09 13.68 -62.46
N ASN A 80 -5.11 14.86 -63.09
CA ASN A 80 -4.11 15.94 -62.84
C ASN A 80 -4.43 16.58 -61.48
N THR A 81 -3.43 16.69 -60.61
CA THR A 81 -3.56 17.24 -59.24
C THR A 81 -3.00 18.66 -59.17
N ARG A 82 -2.67 19.26 -60.33
CA ARG A 82 -1.83 20.49 -60.44
C ARG A 82 -2.44 21.64 -59.63
N TYR A 83 -3.76 21.81 -59.64
CA TYR A 83 -4.47 22.98 -59.05
C TYR A 83 -5.10 22.61 -57.70
N THR A 84 -4.77 21.46 -57.13
CA THR A 84 -5.19 21.09 -55.73
C THR A 84 -4.30 21.89 -54.77
N LYS A 85 -4.90 22.51 -53.74
CA LYS A 85 -4.17 23.34 -52.73
C LYS A 85 -3.58 22.45 -51.63
N ARG A 86 -2.25 22.40 -51.54
CA ARG A 86 -1.52 21.64 -50.48
C ARG A 86 -1.20 22.67 -49.39
N TYR A 87 -1.71 22.48 -48.17
CA TYR A 87 -1.52 23.41 -47.02
C TYR A 87 -0.25 22.99 -46.29
N ASN A 88 0.57 23.97 -45.89
CA ASN A 88 1.85 23.74 -45.20
C ASN A 88 1.58 23.53 -43.69
N GLN A 89 2.37 22.66 -43.06
CA GLN A 89 2.19 22.16 -41.68
C GLN A 89 0.70 21.85 -41.43
N ALA A 90 0.14 20.89 -42.18
CA ALA A 90 -1.30 20.53 -42.15
C ALA A 90 -1.51 19.02 -42.38
N LYS A 91 -2.52 18.45 -41.73
CA LYS A 91 -2.95 17.03 -41.86
C LYS A 91 -4.09 16.97 -42.87
N SER A 92 -4.18 15.91 -43.67
CA SER A 92 -5.26 15.68 -44.67
C SER A 92 -6.45 15.04 -43.98
N SER A 93 -7.63 15.01 -44.63
CA SER A 93 -8.82 14.30 -44.10
C SER A 93 -8.66 12.81 -44.39
N GLN A 94 -9.15 11.96 -43.48
CA GLN A 94 -9.00 10.48 -43.60
C GLN A 94 -9.99 9.80 -42.65
N SER A 95 -10.14 8.49 -42.82
CA SER A 95 -11.03 7.63 -42.01
C SER A 95 -10.34 6.31 -41.71
N ALA A 96 -10.47 5.83 -40.48
CA ALA A 96 -10.25 4.43 -40.11
C ALA A 96 -11.58 3.69 -40.28
N ILE A 97 -11.57 2.58 -41.01
CA ILE A 97 -12.78 1.73 -41.23
C ILE A 97 -12.46 0.30 -40.80
N MET A 98 -13.32 -0.27 -39.95
CA MET A 98 -13.35 -1.71 -39.59
C MET A 98 -14.49 -2.39 -40.39
N VAL A 99 -14.21 -3.57 -40.94
CA VAL A 99 -15.11 -4.35 -41.83
C VAL A 99 -15.19 -5.79 -41.32
N ASP A 100 -16.40 -6.24 -40.92
CA ASP A 100 -16.68 -7.59 -40.37
C ASP A 100 -16.67 -8.59 -41.53
N THR A 101 -16.70 -9.90 -41.22
CA THR A 101 -16.89 -11.02 -42.18
C THR A 101 -18.21 -10.87 -42.94
N LYS A 102 -19.24 -10.34 -42.28
CA LYS A 102 -20.65 -10.25 -42.78
C LYS A 102 -20.85 -8.95 -43.60
N GLY A 103 -19.82 -8.09 -43.70
CA GLY A 103 -19.84 -6.87 -44.53
C GLY A 103 -20.26 -5.62 -43.76
N GLU A 104 -20.53 -5.74 -42.45
CA GLU A 104 -20.90 -4.62 -41.55
C GLU A 104 -19.66 -3.73 -41.34
N ARG A 105 -19.83 -2.40 -41.29
CA ARG A 105 -18.71 -1.42 -41.29
C ARG A 105 -18.86 -0.44 -40.12
N ILE A 106 -17.77 -0.19 -39.40
CA ILE A 106 -17.63 0.94 -38.43
C ILE A 106 -16.68 1.96 -39.06
N ILE A 107 -17.12 3.21 -39.24
CA ILE A 107 -16.32 4.28 -39.90
C ILE A 107 -16.02 5.38 -38.89
N ILE A 108 -14.75 5.74 -38.73
CA ILE A 108 -14.27 6.88 -37.89
C ILE A 108 -13.62 7.87 -38.85
N ASN A 109 -14.37 8.90 -39.23
CA ASN A 109 -13.93 9.92 -40.19
C ASN A 109 -13.34 11.07 -39.40
N TYR A 110 -12.19 11.61 -39.83
CA TYR A 110 -11.61 12.87 -39.31
C TYR A 110 -11.57 13.88 -40.44
N PRO A 111 -12.50 14.85 -40.49
CA PRO A 111 -12.36 15.99 -41.41
C PRO A 111 -11.29 16.96 -40.89
N SER A 112 -10.20 17.20 -41.60
CA SER A 112 -9.03 17.95 -41.06
C SER A 112 -9.39 19.42 -40.91
N PRO A 113 -9.28 19.99 -39.70
CA PRO A 113 -9.56 21.41 -39.51
C PRO A 113 -8.46 22.29 -40.15
N ASP A 114 -7.33 21.68 -40.53
CA ASP A 114 -6.18 22.37 -41.18
C ASP A 114 -6.58 22.83 -42.58
N LEU A 115 -7.49 22.10 -43.24
CA LEU A 115 -8.02 22.40 -44.59
C LEU A 115 -9.17 23.40 -44.44
N LEU A 116 -8.91 24.68 -44.68
CA LEU A 116 -9.85 25.78 -44.35
C LEU A 116 -10.93 25.83 -45.42
N PRO A 117 -12.20 26.13 -45.07
CA PRO A 117 -13.26 26.29 -46.07
C PRO A 117 -13.11 27.46 -47.06
N ASP A 118 -12.34 28.50 -46.72
CA ASP A 118 -11.99 29.60 -47.66
C ASP A 118 -11.79 29.02 -49.06
N ALA A 119 -12.39 29.66 -50.07
CA ALA A 119 -12.33 29.25 -51.50
C ALA A 119 -11.88 30.41 -52.40
N GLU A 120 -11.24 31.44 -51.84
CA GLU A 120 -10.68 32.58 -52.59
C GLU A 120 -9.51 32.09 -53.47
N TRP A 121 -8.89 30.96 -53.09
CA TRP A 121 -7.81 30.28 -53.87
C TRP A 121 -8.28 29.99 -55.30
N LEU A 122 -9.58 29.74 -55.52
CA LEU A 122 -10.14 29.35 -56.84
C LEU A 122 -9.86 30.43 -57.90
N GLU A 123 -9.77 31.71 -57.50
CA GLU A 123 -9.61 32.88 -58.42
C GLU A 123 -8.31 32.77 -59.23
N GLU A 124 -7.29 32.07 -58.73
CA GLU A 124 -5.97 31.88 -59.41
C GLU A 124 -6.13 30.89 -60.59
N ILE A 125 -7.25 30.17 -60.71
CA ILE A 125 -7.47 29.15 -61.78
C ILE A 125 -8.24 29.80 -62.94
N ASP A 126 -7.85 29.52 -64.19
CA ASP A 126 -8.55 30.00 -65.42
C ASP A 126 -9.59 28.96 -65.86
N PHE A 127 -10.85 29.12 -65.44
CA PHE A 127 -11.93 28.11 -65.60
C PHE A 127 -12.36 27.94 -67.07
N SER A 128 -12.04 28.89 -67.94
CA SER A 128 -12.40 28.81 -69.39
C SER A 128 -11.78 27.54 -69.99
N GLN A 129 -10.72 26.99 -69.38
CA GLN A 129 -9.88 25.91 -69.96
C GLN A 129 -10.55 24.52 -69.88
N TRP A 130 -11.76 24.43 -69.34
CA TRP A 130 -12.50 23.14 -69.21
C TRP A 130 -13.88 23.24 -69.88
N ASP A 131 -14.41 22.10 -70.31
CA ASP A 131 -15.72 21.96 -71.00
C ASP A 131 -16.84 21.79 -69.95
N VAL A 132 -16.56 21.16 -68.81
CA VAL A 132 -17.55 20.93 -67.72
C VAL A 132 -16.83 21.05 -66.36
N VAL A 133 -17.53 21.58 -65.36
CA VAL A 133 -17.09 21.59 -63.93
C VAL A 133 -18.13 20.82 -63.08
N LEU A 134 -17.75 19.65 -62.56
CA LEU A 134 -18.55 18.84 -61.60
C LEU A 134 -18.13 19.23 -60.19
N ALA A 135 -19.09 19.43 -59.28
CA ALA A 135 -18.81 19.66 -57.84
C ALA A 135 -19.69 18.76 -56.96
N ASP A 136 -19.17 18.37 -55.80
CA ASP A 136 -19.92 17.69 -54.73
C ASP A 136 -20.30 18.73 -53.67
N VAL A 137 -21.19 18.38 -52.73
CA VAL A 137 -21.79 19.33 -51.76
C VAL A 137 -21.03 19.28 -50.42
N ARG A 138 -19.93 18.54 -50.34
CA ARG A 138 -19.17 18.31 -49.08
C ARG A 138 -18.16 19.46 -48.84
N TRP A 139 -17.91 20.32 -49.81
CA TRP A 139 -17.14 21.58 -49.62
C TRP A 139 -17.96 22.73 -50.21
N HIS A 140 -18.91 23.25 -49.44
CA HIS A 140 -19.97 24.18 -49.96
C HIS A 140 -19.33 25.42 -50.57
N ASP A 141 -18.31 26.00 -49.94
CA ASP A 141 -17.74 27.30 -50.36
C ASP A 141 -16.99 27.12 -51.69
N GLY A 142 -16.28 25.99 -51.88
CA GLY A 142 -15.61 25.64 -53.16
C GLY A 142 -16.62 25.40 -54.29
N ALA A 143 -17.69 24.67 -54.00
CA ALA A 143 -18.75 24.40 -54.98
C ALA A 143 -19.27 25.75 -55.51
N LYS A 144 -19.66 26.66 -54.60
CA LYS A 144 -20.27 27.99 -54.93
C LYS A 144 -19.28 28.83 -55.74
N LYS A 145 -18.00 28.88 -55.36
CA LYS A 145 -17.00 29.72 -56.09
C LYS A 145 -16.79 29.14 -57.49
N ALA A 146 -16.47 27.85 -57.58
CA ALA A 146 -16.13 27.15 -58.84
C ALA A 146 -17.27 27.31 -59.85
N PHE A 147 -18.52 27.22 -59.40
CA PHE A 147 -19.73 27.33 -60.27
C PHE A 147 -19.90 28.78 -60.72
N THR A 148 -19.67 29.77 -59.85
CA THR A 148 -19.77 31.21 -60.22
C THR A 148 -18.74 31.51 -61.32
N LEU A 149 -17.47 31.13 -61.09
CA LEU A 149 -16.38 31.30 -62.07
C LEU A 149 -16.74 30.62 -63.40
N ALA A 150 -17.15 29.36 -63.35
CA ALA A 150 -17.49 28.53 -64.53
C ALA A 150 -18.65 29.17 -65.31
N ARG A 151 -19.60 29.80 -64.60
CA ARG A 151 -20.79 30.45 -65.24
C ARG A 151 -20.33 31.74 -65.92
N GLN A 152 -19.56 32.59 -65.23
CA GLN A 152 -18.92 33.81 -65.80
C GLN A 152 -18.18 33.43 -67.09
N ALA A 153 -17.53 32.26 -67.14
CA ALA A 153 -16.72 31.77 -68.29
C ALA A 153 -17.60 31.05 -69.34
N GLY A 154 -18.90 30.89 -69.05
CA GLY A 154 -19.85 30.13 -69.90
C GLY A 154 -19.54 28.64 -69.97
N VAL A 155 -19.06 28.03 -68.87
CA VAL A 155 -18.74 26.57 -68.80
C VAL A 155 -19.91 25.84 -68.12
N MET A 156 -20.17 24.61 -68.57
CA MET A 156 -21.24 23.72 -68.05
C MET A 156 -20.93 23.34 -66.59
N THR A 157 -21.97 23.34 -65.75
CA THR A 157 -21.90 22.99 -64.31
C THR A 157 -22.77 21.75 -64.05
N VAL A 158 -22.20 20.75 -63.37
CA VAL A 158 -22.92 19.53 -62.91
C VAL A 158 -22.71 19.37 -61.39
N LEU A 159 -23.80 19.23 -60.64
CA LEU A 159 -23.81 19.08 -59.16
C LEU A 159 -24.14 17.64 -58.76
N ASP A 160 -23.41 17.07 -57.79
CA ASP A 160 -23.78 15.83 -57.08
C ASP A 160 -24.54 16.24 -55.81
N GLY A 161 -25.86 16.39 -55.92
CA GLY A 161 -26.75 16.98 -54.89
C GLY A 161 -27.20 15.95 -53.86
N ASP A 162 -26.33 15.65 -52.89
CA ASP A 162 -26.54 14.63 -51.82
C ASP A 162 -27.03 15.31 -50.53
N ILE A 163 -27.19 14.51 -49.45
CA ILE A 163 -27.59 15.00 -48.10
C ILE A 163 -26.39 15.76 -47.53
N THR A 164 -26.60 17.03 -47.23
CA THR A 164 -25.63 17.88 -46.49
C THR A 164 -26.47 18.70 -45.50
N PRO A 165 -25.92 19.01 -44.30
CA PRO A 165 -26.61 19.90 -43.36
C PRO A 165 -26.96 21.27 -43.95
N GLN A 166 -26.05 21.89 -44.70
CA GLN A 166 -26.24 23.25 -45.29
C GLN A 166 -27.36 23.21 -46.33
N ASP A 167 -28.05 24.34 -46.57
CA ASP A 167 -29.10 24.47 -47.63
C ASP A 167 -28.39 24.67 -48.97
N ILE A 168 -28.64 23.79 -49.95
CA ILE A 168 -28.00 23.84 -51.31
C ILE A 168 -28.94 24.51 -52.32
N SER A 169 -29.95 25.29 -51.89
CA SER A 169 -30.82 26.08 -52.81
C SER A 169 -29.96 26.96 -53.73
N GLU A 170 -29.05 27.77 -53.16
CA GLU A 170 -28.20 28.71 -53.93
C GLU A 170 -27.31 27.92 -54.91
N LEU A 171 -26.87 26.70 -54.57
CA LEU A 171 -26.01 25.86 -55.44
C LEU A 171 -26.81 25.29 -56.60
N VAL A 172 -28.05 24.83 -56.38
CA VAL A 172 -28.92 24.24 -57.44
C VAL A 172 -29.14 25.30 -58.53
N ALA A 173 -29.26 26.58 -58.14
CA ALA A 173 -29.48 27.72 -59.06
C ALA A 173 -28.24 27.98 -59.93
N LEU A 174 -27.03 27.64 -59.46
CA LEU A 174 -25.76 27.82 -60.22
C LEU A 174 -25.50 26.59 -61.11
N SER A 175 -26.35 25.56 -61.03
CA SER A 175 -26.17 24.25 -61.71
C SER A 175 -26.93 24.22 -63.04
N ASP A 176 -26.24 23.94 -64.14
CA ASP A 176 -26.87 23.67 -65.46
C ASP A 176 -27.55 22.28 -65.39
N HIS A 177 -26.99 21.38 -64.59
CA HIS A 177 -27.51 20.02 -64.31
C HIS A 177 -27.28 19.70 -62.83
N ALA A 178 -28.36 19.50 -62.07
CA ALA A 178 -28.32 19.14 -60.64
C ALA A 178 -28.85 17.72 -60.51
N ALA A 179 -27.96 16.76 -60.23
CA ALA A 179 -28.29 15.32 -60.14
C ALA A 179 -28.36 14.92 -58.67
N PHE A 180 -29.57 14.89 -58.10
CA PHE A 180 -29.81 14.65 -56.66
C PHE A 180 -29.84 13.16 -56.36
N SER A 181 -29.70 12.84 -55.07
CA SER A 181 -29.98 11.53 -54.42
C SER A 181 -31.34 11.61 -53.70
N GLU A 182 -32.04 10.48 -53.53
CA GLU A 182 -33.39 10.46 -52.90
C GLU A 182 -33.33 11.30 -51.63
N PRO A 183 -32.37 11.03 -50.71
CA PRO A 183 -32.28 11.80 -49.47
C PRO A 183 -31.98 13.28 -49.73
N GLY A 184 -31.02 13.56 -50.62
CA GLY A 184 -30.57 14.92 -50.96
C GLY A 184 -31.76 15.77 -51.39
N LEU A 185 -32.55 15.22 -52.30
CA LEU A 185 -33.74 15.88 -52.90
C LEU A 185 -34.79 16.11 -51.80
N ALA A 186 -34.99 15.12 -50.94
CA ALA A 186 -35.98 15.19 -49.84
C ALA A 186 -35.58 16.33 -48.90
N ARG A 187 -34.30 16.41 -48.48
CA ARG A 187 -33.83 17.46 -47.54
C ARG A 187 -34.09 18.82 -48.18
N LEU A 188 -33.86 18.96 -49.49
CA LEU A 188 -33.88 20.27 -50.15
C LEU A 188 -35.31 20.79 -50.21
N THR A 189 -36.25 19.92 -50.59
CA THR A 189 -37.67 20.26 -50.88
C THR A 189 -38.55 20.04 -49.66
N GLY A 190 -38.13 19.19 -48.73
CA GLY A 190 -38.98 18.69 -47.65
C GLY A 190 -40.20 17.96 -48.19
N VAL A 191 -40.03 17.24 -49.30
CA VAL A 191 -41.07 16.35 -49.88
C VAL A 191 -40.48 14.96 -50.07
N LYS A 192 -41.18 13.94 -49.54
CA LYS A 192 -40.73 12.53 -49.49
C LYS A 192 -41.18 11.77 -50.74
N GLU A 193 -42.13 12.32 -51.52
CA GLU A 193 -42.57 11.72 -52.82
C GLU A 193 -41.69 12.26 -53.94
N MET A 194 -40.76 11.44 -54.46
CA MET A 194 -39.70 11.86 -55.43
C MET A 194 -40.28 12.64 -56.62
N ALA A 195 -41.45 12.26 -57.14
CA ALA A 195 -42.07 12.90 -58.32
C ALA A 195 -42.31 14.40 -58.04
N SER A 196 -43.08 14.70 -56.99
CA SER A 196 -43.49 16.07 -56.59
C SER A 196 -42.24 16.91 -56.29
N ALA A 197 -41.27 16.30 -55.59
CA ALA A 197 -39.97 16.90 -55.18
C ALA A 197 -39.24 17.43 -56.41
N LEU A 198 -38.99 16.55 -57.39
CA LEU A 198 -38.29 16.94 -58.64
C LEU A 198 -38.98 18.16 -59.24
N LYS A 199 -40.32 18.25 -59.18
CA LYS A 199 -41.12 19.37 -59.74
C LYS A 199 -40.82 20.64 -58.93
N GLN A 200 -40.86 20.53 -57.60
CA GLN A 200 -40.50 21.64 -56.68
C GLN A 200 -39.06 22.10 -56.98
N ALA A 201 -38.11 21.15 -57.07
CA ALA A 201 -36.68 21.42 -57.30
C ALA A 201 -36.48 22.19 -58.61
N GLN A 202 -37.23 21.86 -59.65
CA GLN A 202 -37.05 22.47 -61.00
C GLN A 202 -37.21 24.00 -60.89
N THR A 203 -38.10 24.45 -60.01
CA THR A 203 -38.45 25.90 -59.83
C THR A 203 -37.24 26.70 -59.34
N LEU A 204 -36.20 26.02 -58.83
CA LEU A 204 -35.04 26.66 -58.14
C LEU A 204 -33.93 26.96 -59.15
N THR A 205 -34.07 26.51 -60.39
CA THR A 205 -32.95 26.56 -61.39
C THR A 205 -33.51 26.62 -62.81
N ASN A 206 -32.79 27.34 -63.67
CA ASN A 206 -33.06 27.38 -65.13
C ASN A 206 -32.46 26.13 -65.76
N GLY A 207 -31.62 25.39 -65.02
CA GLY A 207 -30.98 24.14 -65.48
C GLY A 207 -31.92 22.95 -65.39
N HIS A 208 -31.36 21.74 -65.55
CA HIS A 208 -32.08 20.43 -65.53
C HIS A 208 -31.88 19.76 -64.17
N VAL A 209 -32.89 19.04 -63.68
CA VAL A 209 -32.87 18.35 -62.35
C VAL A 209 -33.13 16.84 -62.56
N TYR A 210 -32.40 15.99 -61.82
CA TYR A 210 -32.50 14.51 -61.87
C TYR A 210 -32.48 13.96 -60.43
N VAL A 211 -33.13 12.82 -60.19
CA VAL A 211 -33.00 12.07 -58.90
C VAL A 211 -32.62 10.62 -59.23
N THR A 212 -31.58 10.11 -58.58
CA THR A 212 -31.08 8.71 -58.73
C THR A 212 -31.70 7.90 -57.59
N GLN A 213 -32.30 6.75 -57.90
CA GLN A 213 -33.00 5.86 -56.92
C GLN A 213 -32.43 4.44 -57.04
N GLY A 214 -31.10 4.30 -57.17
CA GLY A 214 -30.40 3.01 -57.18
C GLY A 214 -31.01 2.05 -58.20
N SER A 215 -31.72 1.01 -57.72
CA SER A 215 -32.31 -0.09 -58.53
C SER A 215 -33.53 0.42 -59.32
N ALA A 216 -34.24 1.44 -58.81
CA ALA A 216 -35.40 2.06 -59.47
C ALA A 216 -34.94 2.92 -60.65
N GLY A 217 -33.63 3.14 -60.78
CA GLY A 217 -33.02 3.91 -61.89
C GLY A 217 -33.02 5.41 -61.61
N CYS A 218 -33.06 6.22 -62.66
CA CYS A 218 -32.92 7.69 -62.60
C CYS A 218 -34.16 8.36 -63.22
N ASP A 219 -34.78 9.32 -62.52
CA ASP A 219 -35.85 10.17 -63.07
C ASP A 219 -35.30 11.58 -63.33
N TRP A 220 -35.89 12.30 -64.29
CA TRP A 220 -35.57 13.74 -64.53
C TRP A 220 -36.71 14.43 -65.31
N LEU A 221 -36.78 15.76 -65.18
CA LEU A 221 -37.79 16.62 -65.85
C LEU A 221 -37.14 17.25 -67.09
N GLU A 222 -37.81 17.17 -68.22
CA GLU A 222 -37.42 17.82 -69.51
C GLU A 222 -38.64 18.58 -70.04
N ASN A 223 -38.60 19.93 -69.97
CA ASN A 223 -39.71 20.86 -70.31
C ASN A 223 -41.01 20.34 -69.69
N GLY A 224 -41.05 20.20 -68.35
CA GLY A 224 -42.27 19.82 -67.61
C GLY A 224 -42.61 18.35 -67.77
N GLY A 225 -41.99 17.65 -68.73
CA GLY A 225 -42.25 16.22 -68.98
C GLY A 225 -41.41 15.32 -68.09
N ARG A 226 -42.04 14.32 -67.46
CA ARG A 226 -41.36 13.28 -66.63
C ARG A 226 -40.62 12.30 -67.55
N GLN A 227 -39.29 12.20 -67.44
CA GLN A 227 -38.44 11.23 -68.19
C GLN A 227 -37.79 10.27 -67.18
N HIS A 228 -37.44 9.05 -67.62
CA HIS A 228 -36.91 7.96 -66.76
C HIS A 228 -35.95 7.07 -67.56
N GLN A 229 -34.88 6.59 -66.91
CA GLN A 229 -33.92 5.60 -67.47
C GLN A 229 -33.81 4.45 -66.48
N PRO A 230 -34.22 3.22 -66.85
CA PRO A 230 -34.19 2.09 -65.93
C PRO A 230 -32.75 1.73 -65.59
N ALA A 231 -32.54 1.13 -64.42
CA ALA A 231 -31.22 0.59 -63.99
C ALA A 231 -30.97 -0.71 -64.76
N PHE A 232 -29.71 -0.97 -65.11
CA PHE A 232 -29.26 -2.19 -65.83
C PHE A 232 -29.18 -3.35 -64.83
N LYS A 233 -29.98 -4.39 -65.06
CA LYS A 233 -29.93 -5.69 -64.32
C LYS A 233 -28.54 -6.31 -64.52
N VAL A 234 -27.74 -6.37 -63.46
CA VAL A 234 -26.34 -6.90 -63.43
C VAL A 234 -26.16 -7.66 -62.12
N ASP A 235 -25.20 -8.60 -62.07
CA ASP A 235 -24.80 -9.32 -60.83
C ASP A 235 -23.88 -8.40 -60.03
N VAL A 236 -24.44 -7.67 -59.06
CA VAL A 236 -23.72 -6.64 -58.23
C VAL A 236 -22.74 -7.35 -57.30
N VAL A 237 -21.48 -6.91 -57.26
CA VAL A 237 -20.39 -7.53 -56.44
C VAL A 237 -19.90 -6.51 -55.39
N ASP A 238 -19.51 -5.31 -55.84
CA ASP A 238 -19.00 -4.20 -54.98
C ASP A 238 -19.68 -2.89 -55.39
N THR A 239 -20.50 -2.29 -54.52
CA THR A 239 -21.28 -1.06 -54.84
C THR A 239 -20.54 0.18 -54.31
N THR A 240 -19.21 0.08 -54.15
CA THR A 240 -18.34 1.13 -53.53
C THR A 240 -18.03 2.20 -54.58
N GLY A 241 -18.84 3.27 -54.64
CA GLY A 241 -18.58 4.50 -55.42
C GLY A 241 -19.44 4.61 -56.66
N ALA A 242 -20.49 3.79 -56.78
CA ALA A 242 -21.42 3.76 -57.94
C ALA A 242 -21.92 5.16 -58.20
N GLY A 243 -22.44 5.85 -57.18
CA GLY A 243 -23.02 7.20 -57.28
C GLY A 243 -22.00 8.22 -57.77
N ASP A 244 -20.77 8.18 -57.24
CA ASP A 244 -19.64 9.05 -57.62
C ASP A 244 -19.29 8.81 -59.11
N VAL A 245 -19.20 7.53 -59.49
CA VAL A 245 -18.82 7.12 -60.88
C VAL A 245 -19.88 7.61 -61.86
N PHE A 246 -21.15 7.47 -61.52
CA PHE A 246 -22.32 7.96 -62.30
C PHE A 246 -22.13 9.45 -62.59
N HIS A 247 -21.84 10.29 -61.58
CA HIS A 247 -21.70 11.75 -61.76
C HIS A 247 -20.52 12.03 -62.72
N GLY A 248 -19.40 11.32 -62.55
CA GLY A 248 -18.23 11.40 -63.45
C GLY A 248 -18.61 11.15 -64.92
N ALA A 249 -19.28 10.03 -65.18
CA ALA A 249 -19.70 9.58 -66.53
C ALA A 249 -20.72 10.58 -67.09
N LEU A 250 -21.67 11.02 -66.27
CA LEU A 250 -22.78 11.93 -66.67
C LEU A 250 -22.21 13.26 -67.16
N ALA A 251 -21.18 13.77 -66.48
CA ALA A 251 -20.49 15.04 -66.85
C ALA A 251 -19.86 14.91 -68.25
N VAL A 252 -19.08 13.84 -68.45
CA VAL A 252 -18.40 13.52 -69.73
C VAL A 252 -19.45 13.38 -70.85
N ALA A 253 -20.51 12.62 -70.57
CA ALA A 253 -21.56 12.30 -71.56
C ALA A 253 -22.30 13.58 -71.93
N LEU A 254 -22.66 14.41 -70.94
CA LEU A 254 -23.43 15.65 -71.19
C LEU A 254 -22.59 16.60 -72.03
N ALA A 255 -21.28 16.67 -71.78
CA ALA A 255 -20.34 17.53 -72.53
C ALA A 255 -20.18 17.03 -73.98
N THR A 256 -20.02 15.71 -74.18
CA THR A 256 -19.85 15.06 -75.52
C THR A 256 -21.16 15.10 -76.33
N SER A 257 -22.22 14.54 -75.78
CA SER A 257 -23.57 14.43 -76.41
C SER A 257 -24.44 15.31 -75.55
N GLY A 258 -24.88 16.47 -76.02
CA GLY A 258 -25.80 17.33 -75.27
C GLY A 258 -27.10 16.62 -74.90
N ASP A 259 -27.33 15.42 -75.46
CA ASP A 259 -28.55 14.59 -75.26
C ASP A 259 -28.60 14.10 -73.81
N LEU A 260 -29.61 14.57 -73.06
CA LEU A 260 -29.93 14.10 -71.70
C LEU A 260 -30.14 12.59 -71.70
N ALA A 261 -31.14 12.08 -72.43
CA ALA A 261 -31.51 10.64 -72.43
C ALA A 261 -30.29 9.77 -72.71
N GLU A 262 -29.51 10.10 -73.74
CA GLU A 262 -28.29 9.33 -74.11
C GLU A 262 -27.30 9.41 -72.94
N SER A 263 -27.08 10.61 -72.40
CA SER A 263 -26.10 10.85 -71.30
C SER A 263 -26.45 9.97 -70.09
N VAL A 264 -27.71 10.00 -69.65
CA VAL A 264 -28.17 9.31 -68.42
C VAL A 264 -28.04 7.79 -68.60
N ARG A 265 -28.44 7.24 -69.76
CA ARG A 265 -28.26 5.81 -70.12
C ARG A 265 -26.76 5.46 -69.99
N PHE A 266 -25.88 6.28 -70.59
CA PHE A 266 -24.41 6.05 -70.64
C PHE A 266 -23.87 5.93 -69.22
N ALA A 267 -24.26 6.87 -68.34
CA ALA A 267 -23.78 6.95 -66.94
C ALA A 267 -24.26 5.70 -66.20
N SER A 268 -25.55 5.37 -66.31
CA SER A 268 -26.21 4.18 -65.70
C SER A 268 -25.47 2.89 -66.07
N GLY A 269 -24.90 2.86 -67.28
CA GLY A 269 -24.10 1.73 -67.77
C GLY A 269 -22.72 1.69 -67.11
N VAL A 270 -22.01 2.83 -67.11
CA VAL A 270 -20.65 2.91 -66.51
C VAL A 270 -20.78 2.42 -65.05
N ALA A 271 -21.77 2.95 -64.35
CA ALA A 271 -22.04 2.67 -62.92
C ALA A 271 -22.31 1.18 -62.77
N ALA A 272 -23.21 0.63 -63.59
CA ALA A 272 -23.60 -0.81 -63.52
C ALA A 272 -22.36 -1.69 -63.75
N LEU A 273 -21.58 -1.43 -64.81
CA LEU A 273 -20.36 -2.21 -65.11
C LEU A 273 -19.43 -2.17 -63.89
N LYS A 274 -19.25 -1.01 -63.25
CA LYS A 274 -18.34 -0.84 -62.08
C LYS A 274 -18.81 -1.77 -60.95
N CYS A 275 -20.12 -1.92 -60.76
CA CYS A 275 -20.73 -2.73 -59.67
C CYS A 275 -20.42 -4.22 -59.90
N THR A 276 -20.15 -4.64 -61.14
CA THR A 276 -19.87 -6.06 -61.49
C THR A 276 -18.40 -6.35 -61.16
N ARG A 277 -17.49 -5.54 -61.71
CA ARG A 277 -16.03 -5.70 -61.50
C ARG A 277 -15.72 -5.34 -60.04
N PRO A 278 -14.90 -6.15 -59.32
CA PRO A 278 -14.49 -5.85 -57.95
C PRO A 278 -13.30 -4.88 -57.86
N GLY A 279 -13.07 -4.34 -56.66
CA GLY A 279 -11.92 -3.48 -56.33
C GLY A 279 -12.26 -2.00 -56.31
N GLY A 280 -13.54 -1.65 -56.16
CA GLY A 280 -14.01 -0.25 -56.13
C GLY A 280 -13.50 0.54 -57.32
N ARG A 281 -12.48 1.38 -57.10
CA ARG A 281 -11.89 2.26 -58.14
C ARG A 281 -11.20 1.45 -59.24
N ALA A 282 -10.83 0.21 -58.94
CA ALA A 282 -10.17 -0.71 -59.90
C ALA A 282 -11.23 -1.35 -60.82
N GLY A 283 -12.52 -1.29 -60.44
CA GLY A 283 -13.65 -1.82 -61.22
C GLY A 283 -14.19 -0.87 -62.29
N ILE A 284 -13.70 0.37 -62.34
CA ILE A 284 -14.25 1.43 -63.22
C ILE A 284 -13.82 1.13 -64.64
N PRO A 285 -14.77 1.02 -65.59
CA PRO A 285 -14.45 0.71 -66.99
C PRO A 285 -13.92 1.91 -67.79
N ASP A 286 -13.56 1.68 -69.06
CA ASP A 286 -13.03 2.69 -70.02
C ASP A 286 -14.01 2.80 -71.21
N CYS A 287 -13.87 3.79 -72.11
CA CYS A 287 -14.87 4.04 -73.20
C CYS A 287 -15.05 2.74 -73.97
N ASP A 288 -14.03 1.86 -74.05
CA ASP A 288 -14.13 0.55 -74.76
C ASP A 288 -14.96 -0.47 -73.94
N GLN A 289 -14.54 -0.78 -72.72
CA GLN A 289 -15.23 -1.76 -71.85
C GLN A 289 -16.69 -1.36 -71.68
N THR A 290 -16.98 -0.05 -71.71
CA THR A 290 -18.33 0.55 -71.56
C THR A 290 -19.15 0.26 -72.81
N ARG A 291 -18.67 0.72 -73.97
CA ARG A 291 -19.31 0.58 -75.30
C ARG A 291 -19.72 -0.89 -75.46
N SER A 292 -18.81 -1.80 -75.08
CA SER A 292 -19.01 -3.27 -75.11
C SER A 292 -20.19 -3.67 -74.22
N PHE A 293 -20.13 -3.35 -72.92
CA PHE A 293 -21.19 -3.64 -71.94
C PHE A 293 -22.54 -3.10 -72.44
N LEU A 294 -22.55 -1.88 -72.97
CA LEU A 294 -23.79 -1.17 -73.43
C LEU A 294 -24.41 -1.92 -74.62
N SER A 295 -23.58 -2.58 -75.45
CA SER A 295 -24.02 -3.34 -76.65
C SER A 295 -24.85 -4.57 -76.26
N LEU A 296 -24.71 -5.07 -75.02
CA LEU A 296 -25.57 -6.18 -74.49
C LEU A 296 -27.03 -5.72 -74.29
N PHE A 297 -27.35 -4.44 -74.53
CA PHE A 297 -28.70 -3.82 -74.70
C PHE A 297 -29.69 -4.36 -73.66
N MET B 1 -1.56 22.07 10.70
CA MET B 1 -1.92 21.28 11.89
C MET B 1 -3.28 20.56 11.65
N ILE B 2 -3.26 19.22 11.48
CA ILE B 2 -4.36 18.28 11.81
C ILE B 2 -4.55 18.32 13.34
N ARG B 3 -5.79 18.50 13.80
CA ARG B 3 -6.15 18.60 15.23
C ARG B 3 -6.55 17.19 15.72
N VAL B 4 -5.84 16.66 16.74
CA VAL B 4 -5.97 15.27 17.25
C VAL B 4 -6.26 15.29 18.75
N ALA B 5 -7.22 14.48 19.21
CA ALA B 5 -7.47 14.14 20.63
C ALA B 5 -7.14 12.65 20.90
N CYS B 6 -6.44 12.36 21.98
CA CYS B 6 -6.12 10.99 22.43
C CYS B 6 -6.78 10.79 23.81
N VAL B 7 -7.74 9.88 23.88
CA VAL B 7 -8.51 9.58 25.12
C VAL B 7 -7.98 8.26 25.67
N GLY B 8 -7.67 8.21 26.98
CA GLY B 8 -7.38 6.97 27.71
C GLY B 8 -6.48 7.20 28.91
N ILE B 9 -5.53 6.29 29.10
CA ILE B 9 -4.73 6.10 30.33
C ILE B 9 -3.34 6.76 30.14
N THR B 10 -2.82 7.37 31.20
CA THR B 10 -1.41 7.81 31.35
C THR B 10 -0.93 7.17 32.65
N VAL B 11 0.16 6.40 32.58
CA VAL B 11 0.68 5.60 33.72
C VAL B 11 2.19 5.83 33.78
N MET B 12 2.78 5.70 34.97
CA MET B 12 4.25 5.65 35.11
C MET B 12 4.71 4.22 34.85
N ASP B 13 5.47 4.02 33.77
CA ASP B 13 6.13 2.72 33.47
C ASP B 13 7.36 2.61 34.38
N ARG B 14 7.45 1.48 35.09
CA ARG B 14 8.64 1.05 35.84
C ARG B 14 9.25 -0.14 35.08
N ILE B 15 10.24 0.15 34.24
CA ILE B 15 10.82 -0.85 33.30
C ILE B 15 12.03 -1.52 33.96
N TYR B 16 11.98 -2.85 34.10
CA TYR B 16 13.09 -3.71 34.63
C TYR B 16 13.64 -4.58 33.50
N TYR B 17 14.89 -4.35 33.11
CA TYR B 17 15.61 -5.13 32.07
C TYR B 17 16.31 -6.31 32.75
N VAL B 18 15.99 -7.53 32.31
CA VAL B 18 16.36 -8.83 32.96
C VAL B 18 17.09 -9.69 31.93
N GLU B 19 17.71 -10.80 32.33
CA GLU B 19 18.34 -11.77 31.38
C GLU B 19 17.22 -12.45 30.59
N GLY B 20 16.27 -13.05 31.31
CA GLY B 20 15.07 -13.64 30.70
C GLY B 20 13.85 -13.36 31.52
N LEU B 21 12.67 -13.39 30.92
CA LEU B 21 11.40 -13.12 31.66
C LEU B 21 11.30 -14.14 32.78
N PRO B 22 10.91 -13.73 34.01
CA PRO B 22 10.68 -14.71 35.07
C PRO B 22 9.46 -15.59 34.75
N THR B 23 9.65 -16.90 34.72
CA THR B 23 8.59 -17.93 34.45
C THR B 23 8.17 -18.53 35.78
N GLU B 24 9.14 -18.93 36.62
CA GLU B 24 8.95 -19.69 37.90
C GLU B 24 9.18 -18.73 39.07
N SER B 25 8.76 -19.13 40.29
CA SER B 25 8.90 -18.32 41.53
C SER B 25 10.38 -18.18 41.93
N GLY B 26 10.67 -17.30 42.88
CA GLY B 26 12.04 -16.99 43.32
C GLY B 26 12.44 -15.57 43.00
N LYS B 27 13.72 -15.27 43.25
CA LYS B 27 14.34 -13.92 43.24
C LYS B 27 15.13 -13.77 41.94
N TYR B 28 15.12 -12.56 41.37
CA TYR B 28 15.89 -12.17 40.17
C TYR B 28 16.50 -10.78 40.44
N VAL B 29 17.45 -10.41 39.61
CA VAL B 29 18.18 -9.11 39.70
C VAL B 29 18.12 -8.43 38.32
N ALA B 30 17.64 -7.19 38.27
CA ALA B 30 17.57 -6.41 37.03
C ALA B 30 18.98 -5.91 36.67
N ARG B 31 19.37 -6.12 35.41
CA ARG B 31 20.60 -5.56 34.81
C ARG B 31 20.43 -4.04 34.70
N ASN B 32 19.20 -3.54 34.53
CA ASN B 32 18.91 -2.10 34.43
C ASN B 32 17.43 -1.78 34.73
N TYR B 33 17.15 -0.50 34.94
CA TYR B 33 15.83 0.06 35.32
C TYR B 33 15.66 1.46 34.73
N THR B 34 14.46 1.79 34.26
CA THR B 34 14.06 3.17 33.89
C THR B 34 12.60 3.41 34.31
N GLU B 35 12.34 4.64 34.77
CA GLU B 35 11.02 5.12 35.24
C GLU B 35 10.59 6.24 34.30
N VAL B 36 9.82 5.90 33.28
CA VAL B 36 9.41 6.80 32.17
C VAL B 36 7.88 6.71 32.03
N GLY B 37 7.24 7.81 31.64
CA GLY B 37 5.79 7.84 31.42
C GLY B 37 5.40 6.97 30.24
N GLY B 38 4.21 6.36 30.32
CA GLY B 38 3.64 5.52 29.25
C GLY B 38 2.13 5.59 29.28
N GLY B 39 1.50 4.51 28.78
CA GLY B 39 0.05 4.44 28.50
C GLY B 39 -0.22 4.50 27.00
N PRO B 40 -1.12 3.65 26.47
CA PRO B 40 -1.39 3.66 25.03
C PRO B 40 -1.74 5.04 24.46
N ALA B 41 -2.78 5.67 25.00
CA ALA B 41 -3.33 6.93 24.48
C ALA B 41 -2.30 8.04 24.66
N ALA B 42 -1.52 8.00 25.73
CA ALA B 42 -0.49 9.02 26.05
C ALA B 42 0.65 8.96 25.05
N THR B 43 1.20 7.75 24.79
CA THR B 43 2.33 7.54 23.85
C THR B 43 1.87 7.85 22.41
N ALA B 44 0.66 7.40 22.07
CA ALA B 44 -0.03 7.71 20.79
C ALA B 44 -0.06 9.24 20.59
N ALA B 45 -0.39 10.01 21.63
CA ALA B 45 -0.43 11.49 21.60
C ALA B 45 0.97 12.01 21.33
N VAL B 46 1.95 11.57 22.11
CA VAL B 46 3.37 11.96 21.90
C VAL B 46 3.77 11.68 20.46
N ALA B 47 3.42 10.53 19.89
CA ALA B 47 3.79 10.19 18.51
C ALA B 47 3.18 11.21 17.55
N ALA B 48 1.90 11.54 17.73
CA ALA B 48 1.12 12.44 16.85
C ALA B 48 1.70 13.86 16.91
N ALA B 49 2.07 14.31 18.11
CA ALA B 49 2.75 15.61 18.34
C ALA B 49 4.09 15.65 17.60
N ARG B 50 4.92 14.60 17.68
CA ARG B 50 6.23 14.50 16.99
C ARG B 50 5.99 14.53 15.46
N LEU B 51 4.82 14.09 15.00
CA LEU B 51 4.44 14.13 13.56
C LEU B 51 3.81 15.50 13.20
N GLY B 52 3.62 16.37 14.20
CA GLY B 52 3.35 17.81 14.00
C GLY B 52 1.87 18.10 13.92
N ALA B 53 1.11 17.58 14.87
CA ALA B 53 -0.35 17.77 14.98
C ALA B 53 -0.65 18.57 16.24
N GLN B 54 -1.75 19.33 16.24
CA GLN B 54 -2.30 19.93 17.49
C GLN B 54 -2.95 18.75 18.22
N VAL B 55 -2.24 18.21 19.22
CA VAL B 55 -2.61 16.96 19.94
C VAL B 55 -3.06 17.35 21.35
N ASP B 56 -4.25 16.87 21.73
CA ASP B 56 -4.77 16.95 23.12
C ASP B 56 -4.81 15.54 23.71
N PHE B 57 -4.39 15.37 24.98
CA PHE B 57 -4.55 14.13 25.78
C PHE B 57 -5.62 14.32 26.85
N ILE B 58 -6.67 13.49 26.80
CA ILE B 58 -7.80 13.52 27.77
C ILE B 58 -7.74 12.21 28.57
N GLY B 59 -7.36 12.28 29.85
CA GLY B 59 -7.28 11.14 30.76
C GLY B 59 -7.41 11.59 32.21
N ARG B 60 -7.00 10.73 33.16
CA ARG B 60 -7.10 10.97 34.62
C ARG B 60 -5.74 10.75 35.28
N VAL B 61 -5.37 11.63 36.20
CA VAL B 61 -4.17 11.46 37.06
C VAL B 61 -4.54 11.78 38.51
N GLY B 62 -3.61 11.47 39.43
CA GLY B 62 -3.68 11.87 40.84
C GLY B 62 -3.16 13.28 41.02
N ASP B 63 -3.19 13.78 42.27
CA ASP B 63 -2.53 15.07 42.66
C ASP B 63 -1.23 14.75 43.38
N ASP B 64 -0.70 13.54 43.17
CA ASP B 64 0.58 13.04 43.72
C ASP B 64 1.75 13.48 42.84
N ASP B 65 2.99 13.24 43.28
CA ASP B 65 4.24 13.55 42.52
C ASP B 65 4.18 12.94 41.12
N THR B 66 3.73 11.68 41.03
CA THR B 66 3.70 10.88 39.78
C THR B 66 2.80 11.57 38.75
N GLY B 67 1.58 11.96 39.17
CA GLY B 67 0.64 12.71 38.34
C GLY B 67 1.32 13.90 37.71
N ASN B 68 2.01 14.70 38.53
CA ASN B 68 2.71 15.92 38.07
C ASN B 68 3.79 15.52 37.06
N SER B 69 4.61 14.53 37.38
CA SER B 69 5.67 14.02 36.46
C SER B 69 5.07 13.63 35.10
N LEU B 70 3.92 12.94 35.09
CA LEU B 70 3.27 12.39 33.85
C LEU B 70 2.79 13.54 32.95
N LEU B 71 2.07 14.50 33.51
CA LEU B 71 1.45 15.62 32.76
C LEU B 71 2.52 16.57 32.28
N ALA B 72 3.59 16.74 33.07
CA ALA B 72 4.74 17.61 32.75
C ALA B 72 5.49 17.03 31.55
N GLU B 73 5.71 15.72 31.54
CA GLU B 73 6.37 15.01 30.42
C GLU B 73 5.54 15.19 29.15
N LEU B 74 4.23 14.97 29.23
CA LEU B 74 3.32 15.09 28.06
C LEU B 74 3.48 16.49 27.46
N GLU B 75 3.44 17.53 28.31
CA GLU B 75 3.57 18.95 27.88
C GLU B 75 4.93 19.12 27.20
N SER B 76 6.00 18.69 27.87
CA SER B 76 7.40 18.81 27.38
C SER B 76 7.52 18.24 25.97
N TRP B 77 6.73 17.19 25.64
CA TRP B 77 6.72 16.56 24.29
C TRP B 77 5.78 17.33 23.34
N GLY B 78 5.13 18.38 23.81
CA GLY B 78 4.22 19.20 22.97
C GLY B 78 2.83 18.62 22.89
N VAL B 79 2.38 17.90 23.92
CA VAL B 79 0.97 17.40 24.04
C VAL B 79 0.24 18.28 25.08
N ASN B 80 -0.88 18.90 24.69
CA ASN B 80 -1.67 19.75 25.61
C ASN B 80 -2.41 18.84 26.58
N THR B 81 -2.31 19.10 27.88
CA THR B 81 -2.94 18.29 28.97
C THR B 81 -4.14 19.05 29.56
N ARG B 82 -4.62 20.08 28.87
CA ARG B 82 -5.62 21.07 29.40
C ARG B 82 -6.89 20.38 29.88
N TYR B 83 -7.36 19.31 29.21
CA TYR B 83 -8.66 18.65 29.50
C TYR B 83 -8.48 17.40 30.38
N THR B 84 -7.26 17.11 30.85
CA THR B 84 -6.99 15.93 31.70
C THR B 84 -7.47 16.25 33.11
N LYS B 85 -8.20 15.33 33.74
CA LYS B 85 -8.79 15.49 35.10
C LYS B 85 -7.76 15.09 36.17
N ARG B 86 -7.40 16.01 37.07
CA ARG B 86 -6.56 15.73 38.26
C ARG B 86 -7.52 15.44 39.42
N TYR B 87 -7.36 14.30 40.10
CA TYR B 87 -8.16 13.94 41.30
C TYR B 87 -7.40 14.36 42.57
N ASN B 88 -8.13 14.89 43.55
CA ASN B 88 -7.55 15.31 44.85
C ASN B 88 -7.45 14.13 45.80
N GLN B 89 -6.40 14.16 46.63
CA GLN B 89 -5.94 13.07 47.54
C GLN B 89 -6.01 11.77 46.76
N ALA B 90 -5.26 11.67 45.66
CA ALA B 90 -5.31 10.51 44.74
C ALA B 90 -3.93 10.16 44.19
N LYS B 91 -3.68 8.85 44.09
CA LYS B 91 -2.46 8.25 43.49
C LYS B 91 -2.78 7.98 42.01
N SER B 92 -1.78 8.16 41.14
CA SER B 92 -1.88 7.89 39.68
C SER B 92 -1.66 6.40 39.45
N SER B 93 -1.97 5.93 38.24
CA SER B 93 -1.83 4.52 37.82
C SER B 93 -0.37 4.26 37.49
N GLN B 94 0.06 2.99 37.47
CA GLN B 94 1.45 2.62 37.12
C GLN B 94 1.50 1.17 36.67
N SER B 95 2.63 0.78 36.10
CA SER B 95 2.91 -0.59 35.61
C SER B 95 4.35 -0.96 35.96
N ALA B 96 4.54 -2.20 36.40
CA ALA B 96 5.86 -2.88 36.37
C ALA B 96 5.98 -3.57 35.03
N ILE B 97 7.10 -3.35 34.35
CA ILE B 97 7.44 -4.05 33.08
C ILE B 97 8.78 -4.74 33.24
N MET B 98 8.80 -6.05 32.91
CA MET B 98 10.04 -6.86 32.75
C MET B 98 10.30 -7.01 31.25
N VAL B 99 11.56 -6.79 30.85
CA VAL B 99 11.98 -6.78 29.42
C VAL B 99 13.19 -7.71 29.26
N ASP B 100 13.05 -8.77 28.44
CA ASP B 100 14.13 -9.76 28.17
C ASP B 100 15.15 -9.13 27.20
N THR B 101 16.27 -9.82 26.96
CA THR B 101 17.36 -9.41 26.03
C THR B 101 16.84 -9.30 24.60
N LYS B 102 15.84 -10.13 24.25
CA LYS B 102 15.26 -10.26 22.88
C LYS B 102 14.14 -9.22 22.66
N GLY B 103 13.81 -8.40 23.65
CA GLY B 103 12.85 -7.28 23.51
C GLY B 103 11.44 -7.63 23.99
N GLU B 104 11.18 -8.90 24.32
CA GLU B 104 9.85 -9.42 24.73
C GLU B 104 9.55 -8.89 26.15
N ARG B 105 8.29 -8.56 26.42
CA ARG B 105 7.89 -7.78 27.61
C ARG B 105 6.74 -8.50 28.35
N ILE B 106 6.82 -8.54 29.68
CA ILE B 106 5.65 -8.79 30.58
C ILE B 106 5.27 -7.45 31.22
N ILE B 107 4.00 -7.06 31.07
CA ILE B 107 3.45 -5.80 31.64
C ILE B 107 2.43 -6.15 32.72
N ILE B 108 2.61 -5.60 33.91
CA ILE B 108 1.66 -5.70 35.06
C ILE B 108 1.20 -4.28 35.33
N ASN B 109 0.01 -3.95 34.84
CA ASN B 109 -0.62 -2.62 35.02
C ASN B 109 -1.44 -2.65 36.30
N TYR B 110 -1.34 -1.59 37.10
CA TYR B 110 -2.24 -1.34 38.27
C TYR B 110 -2.99 -0.05 38.01
N PRO B 111 -4.29 -0.14 37.64
CA PRO B 111 -5.17 1.02 37.62
C PRO B 111 -5.44 1.55 39.03
N SER B 112 -5.11 2.81 39.32
CA SER B 112 -5.40 3.47 40.64
C SER B 112 -6.91 3.54 40.85
N PRO B 113 -7.43 2.96 41.95
CA PRO B 113 -8.86 3.02 42.23
C PRO B 113 -9.30 4.43 42.60
N ASP B 114 -8.36 5.34 42.86
CA ASP B 114 -8.61 6.77 43.20
C ASP B 114 -9.18 7.50 41.99
N LEU B 115 -8.77 7.09 40.78
CA LEU B 115 -9.20 7.70 39.48
C LEU B 115 -10.52 7.05 39.06
N LEU B 116 -11.63 7.75 39.26
CA LEU B 116 -13.01 7.19 39.19
C LEU B 116 -13.36 7.00 37.73
N PRO B 117 -14.08 5.92 37.35
CA PRO B 117 -14.45 5.66 35.94
C PRO B 117 -15.41 6.67 35.30
N ASP B 118 -16.21 7.39 36.10
CA ASP B 118 -17.12 8.46 35.62
C ASP B 118 -16.42 9.22 34.48
N ALA B 119 -17.15 9.41 33.37
CA ALA B 119 -16.68 10.14 32.16
C ALA B 119 -17.68 11.22 31.73
N GLU B 120 -18.67 11.58 32.56
CA GLU B 120 -19.78 12.48 32.16
C GLU B 120 -19.23 13.90 32.01
N TRP B 121 -18.10 14.20 32.66
CA TRP B 121 -17.41 15.51 32.54
C TRP B 121 -17.03 15.80 31.10
N LEU B 122 -16.81 14.78 30.27
CA LEU B 122 -16.45 14.96 28.82
C LEU B 122 -17.48 15.82 28.08
N GLU B 123 -18.77 15.78 28.47
CA GLU B 123 -19.89 16.48 27.76
C GLU B 123 -19.66 18.00 27.72
N GLU B 124 -18.91 18.55 28.69
CA GLU B 124 -18.59 20.01 28.77
C GLU B 124 -17.55 20.39 27.71
N ILE B 125 -16.90 19.42 27.04
CA ILE B 125 -15.78 19.68 26.09
C ILE B 125 -16.35 19.68 24.68
N ASP B 126 -15.85 20.58 23.80
CA ASP B 126 -16.36 20.76 22.42
C ASP B 126 -15.59 19.87 21.44
N PHE B 127 -16.09 18.66 21.16
CA PHE B 127 -15.37 17.64 20.36
C PHE B 127 -15.28 18.05 18.87
N SER B 128 -16.08 19.02 18.42
CA SER B 128 -16.06 19.50 17.02
C SER B 128 -14.66 20.06 16.69
N GLN B 129 -13.88 20.43 17.70
CA GLN B 129 -12.60 21.18 17.54
C GLN B 129 -11.45 20.28 17.07
N TRP B 130 -11.67 18.98 16.87
CA TRP B 130 -10.61 18.02 16.45
C TRP B 130 -11.01 17.29 15.18
N ASP B 131 -10.03 16.85 14.41
CA ASP B 131 -10.21 16.13 13.11
C ASP B 131 -10.33 14.62 13.36
N VAL B 132 -9.69 14.09 14.41
CA VAL B 132 -9.74 12.64 14.76
C VAL B 132 -9.66 12.50 16.27
N VAL B 133 -10.35 11.50 16.82
CA VAL B 133 -10.29 11.12 18.25
C VAL B 133 -9.86 9.65 18.35
N LEU B 134 -8.64 9.41 18.84
CA LEU B 134 -8.07 8.08 19.12
C LEU B 134 -8.37 7.76 20.57
N ALA B 135 -8.82 6.55 20.89
CA ALA B 135 -9.00 6.07 22.29
C ALA B 135 -8.39 4.67 22.46
N ASP B 136 -7.92 4.39 23.67
CA ASP B 136 -7.50 3.04 24.11
C ASP B 136 -8.66 2.45 24.92
N VAL B 137 -8.59 1.15 25.20
CA VAL B 137 -9.69 0.34 25.80
C VAL B 137 -9.50 0.24 27.32
N ARG B 138 -8.50 0.91 27.90
CA ARG B 138 -8.15 0.74 29.34
C ARG B 138 -8.98 1.68 30.20
N TRP B 139 -9.50 2.79 29.68
CA TRP B 139 -10.53 3.63 30.38
C TRP B 139 -11.84 3.48 29.60
N HIS B 140 -12.58 2.40 29.88
CA HIS B 140 -13.75 1.98 29.09
C HIS B 140 -14.75 3.11 29.00
N ASP B 141 -15.07 3.79 30.10
CA ASP B 141 -16.24 4.71 30.13
C ASP B 141 -15.87 5.97 29.35
N GLY B 142 -14.60 6.41 29.39
CA GLY B 142 -14.10 7.53 28.58
C GLY B 142 -14.04 7.22 27.09
N ALA B 143 -13.64 6.01 26.71
CA ALA B 143 -13.61 5.58 25.31
C ALA B 143 -15.03 5.73 24.77
N LYS B 144 -16.01 5.16 25.47
CA LYS B 144 -17.43 5.10 25.04
C LYS B 144 -17.99 6.52 24.93
N LYS B 145 -17.73 7.38 25.91
CA LYS B 145 -18.29 8.75 25.92
C LYS B 145 -17.67 9.55 24.79
N ALA B 146 -16.34 9.59 24.74
CA ALA B 146 -15.57 10.40 23.77
C ALA B 146 -15.98 10.04 22.34
N PHE B 147 -16.21 8.76 22.05
CA PHE B 147 -16.58 8.28 20.69
C PHE B 147 -18.02 8.68 20.38
N THR B 148 -18.94 8.59 21.34
CA THR B 148 -20.35 9.03 21.11
C THR B 148 -20.37 10.52 20.79
N LEU B 149 -19.71 11.33 21.62
CA LEU B 149 -19.58 12.80 21.38
C LEU B 149 -18.97 13.08 20.01
N ALA B 150 -17.85 12.44 19.70
CA ALA B 150 -17.09 12.63 18.45
C ALA B 150 -17.97 12.25 17.25
N ARG B 151 -18.83 11.24 17.39
CA ARG B 151 -19.72 10.77 16.30
C ARG B 151 -20.84 11.79 16.11
N GLN B 152 -21.51 12.22 17.18
CA GLN B 152 -22.52 13.32 17.16
C GLN B 152 -21.94 14.54 16.44
N ALA B 153 -20.65 14.83 16.65
CA ALA B 153 -19.93 16.01 16.09
C ALA B 153 -19.42 15.74 14.67
N GLY B 154 -19.57 14.50 14.17
CA GLY B 154 -19.06 14.06 12.86
C GLY B 154 -17.54 13.99 12.81
N VAL B 155 -16.89 13.61 13.91
CA VAL B 155 -15.41 13.48 13.98
C VAL B 155 -15.03 12.00 13.82
N MET B 156 -13.91 11.74 13.11
CA MET B 156 -13.35 10.38 12.88
C MET B 156 -12.92 9.76 14.23
N THR B 157 -13.21 8.47 14.40
CA THR B 157 -12.88 7.69 15.62
C THR B 157 -11.90 6.56 15.26
N VAL B 158 -10.81 6.45 16.00
CA VAL B 158 -9.79 5.37 15.87
C VAL B 158 -9.59 4.71 17.24
N LEU B 159 -9.70 3.38 17.31
CA LEU B 159 -9.57 2.57 18.55
C LEU B 159 -8.24 1.78 18.54
N ASP B 160 -7.52 1.76 19.67
CA ASP B 160 -6.41 0.81 19.94
C ASP B 160 -7.01 -0.36 20.71
N GLY B 161 -7.47 -1.39 20.00
CA GLY B 161 -8.12 -2.58 20.60
C GLY B 161 -7.13 -3.64 21.11
N ASP B 162 -6.58 -3.42 22.31
CA ASP B 162 -5.59 -4.31 22.98
C ASP B 162 -6.31 -5.21 24.01
N ILE B 163 -5.54 -6.04 24.75
CA ILE B 163 -6.04 -6.94 25.83
C ILE B 163 -6.47 -6.05 27.00
N THR B 164 -7.75 -6.13 27.35
CA THR B 164 -8.30 -5.57 28.61
C THR B 164 -9.24 -6.64 29.19
N PRO B 165 -9.42 -6.70 30.52
CA PRO B 165 -10.43 -7.60 31.11
C PRO B 165 -11.85 -7.36 30.57
N GLN B 166 -12.29 -6.11 30.45
CA GLN B 166 -13.60 -5.67 29.91
C GLN B 166 -13.86 -6.22 28.50
N ASP B 167 -15.14 -6.41 28.16
CA ASP B 167 -15.62 -6.66 26.76
C ASP B 167 -15.65 -5.31 26.04
N ILE B 168 -14.92 -5.18 24.91
CA ILE B 168 -14.83 -3.92 24.12
C ILE B 168 -15.77 -3.96 22.90
N SER B 169 -16.80 -4.80 22.90
CA SER B 169 -17.81 -4.90 21.80
C SER B 169 -18.43 -3.51 21.55
N GLU B 170 -18.94 -2.86 22.59
CA GLU B 170 -19.65 -1.57 22.43
C GLU B 170 -18.68 -0.50 21.91
N LEU B 171 -17.38 -0.59 22.22
CA LEU B 171 -16.36 0.40 21.76
C LEU B 171 -16.09 0.23 20.26
N VAL B 172 -15.98 -1.02 19.79
CA VAL B 172 -15.66 -1.34 18.36
C VAL B 172 -16.78 -0.77 17.48
N ALA B 173 -18.02 -0.81 17.97
CA ALA B 173 -19.23 -0.33 17.27
C ALA B 173 -19.20 1.19 17.09
N LEU B 174 -18.54 1.93 17.98
CA LEU B 174 -18.47 3.41 17.89
C LEU B 174 -17.25 3.83 17.05
N SER B 175 -16.45 2.87 16.58
CA SER B 175 -15.15 3.10 15.90
C SER B 175 -15.33 3.14 14.38
N ASP B 176 -14.92 4.23 13.73
CA ASP B 176 -14.80 4.31 12.25
C ASP B 176 -13.64 3.41 11.77
N HIS B 177 -12.62 3.25 12.62
CA HIS B 177 -11.45 2.38 12.42
C HIS B 177 -11.06 1.75 13.76
N ALA B 178 -11.14 0.43 13.88
CA ALA B 178 -10.74 -0.35 15.08
C ALA B 178 -9.50 -1.17 14.75
N ALA B 179 -8.33 -0.78 15.27
CA ALA B 179 -7.03 -1.41 15.00
C ALA B 179 -6.65 -2.30 16.20
N PHE B 180 -6.89 -3.61 16.09
CA PHE B 180 -6.66 -4.57 17.19
C PHE B 180 -5.20 -5.05 17.18
N SER B 181 -4.80 -5.64 18.30
CA SER B 181 -3.60 -6.49 18.52
C SER B 181 -4.01 -7.97 18.52
N GLU B 182 -3.12 -8.90 18.14
CA GLU B 182 -3.47 -10.34 18.05
C GLU B 182 -4.18 -10.75 19.34
N PRO B 183 -3.61 -10.45 20.53
CA PRO B 183 -4.25 -10.81 21.78
C PRO B 183 -5.62 -10.11 21.97
N GLY B 184 -5.67 -8.81 21.68
CA GLY B 184 -6.89 -8.01 21.87
C GLY B 184 -8.03 -8.56 21.06
N LEU B 185 -7.74 -8.90 19.79
CA LEU B 185 -8.73 -9.45 18.83
C LEU B 185 -9.18 -10.82 19.33
N ALA B 186 -8.26 -11.64 19.84
CA ALA B 186 -8.55 -12.98 20.36
C ALA B 186 -9.51 -12.85 21.55
N ARG B 187 -9.23 -11.96 22.52
CA ARG B 187 -10.10 -11.80 23.72
C ARG B 187 -11.50 -11.42 23.25
N LEU B 188 -11.61 -10.57 22.23
CA LEU B 188 -12.92 -10.00 21.83
C LEU B 188 -13.78 -11.10 21.21
N THR B 189 -13.19 -11.88 20.31
CA THR B 189 -13.89 -12.89 19.45
C THR B 189 -13.83 -14.29 20.06
N GLY B 190 -12.88 -14.53 20.95
CA GLY B 190 -12.54 -15.87 21.43
C GLY B 190 -12.09 -16.77 20.29
N VAL B 191 -11.44 -16.22 19.27
CA VAL B 191 -10.87 -16.99 18.13
C VAL B 191 -9.40 -16.60 17.96
N LYS B 192 -8.52 -17.59 17.94
CA LYS B 192 -7.05 -17.44 17.89
C LYS B 192 -6.58 -17.44 16.43
N GLU B 193 -7.43 -17.80 15.46
CA GLU B 193 -7.10 -17.78 14.01
C GLU B 193 -7.41 -16.39 13.46
N MET B 194 -6.40 -15.57 13.20
CA MET B 194 -6.55 -14.10 12.97
C MET B 194 -7.49 -13.83 11.80
N ALA B 195 -7.48 -14.66 10.75
CA ALA B 195 -8.33 -14.45 9.55
C ALA B 195 -9.80 -14.44 9.93
N SER B 196 -10.27 -15.54 10.54
CA SER B 196 -11.68 -15.73 10.96
C SER B 196 -12.11 -14.62 11.92
N ALA B 197 -11.22 -14.30 12.88
CA ALA B 197 -11.41 -13.26 13.93
C ALA B 197 -11.74 -11.92 13.28
N LEU B 198 -10.88 -11.44 12.39
CA LEU B 198 -11.07 -10.16 11.68
C LEU B 198 -12.48 -10.15 11.04
N LYS B 199 -12.93 -11.29 10.50
CA LYS B 199 -14.26 -11.43 9.83
C LYS B 199 -15.35 -11.30 10.89
N GLN B 200 -15.20 -11.99 12.03
CA GLN B 200 -16.14 -11.91 13.18
C GLN B 200 -16.20 -10.45 13.64
N ALA B 201 -15.04 -9.81 13.84
CA ALA B 201 -14.92 -8.42 14.34
C ALA B 201 -15.67 -7.46 13.42
N GLN B 202 -15.61 -7.66 12.11
CA GLN B 202 -16.20 -6.72 11.12
C GLN B 202 -17.71 -6.59 11.39
N THR B 203 -18.35 -7.67 11.82
CA THR B 203 -19.83 -7.76 12.06
C THR B 203 -20.26 -6.80 13.17
N LEU B 204 -19.31 -6.33 13.99
CA LEU B 204 -19.57 -5.52 15.21
C LEU B 204 -19.64 -4.03 14.89
N THR B 205 -19.29 -3.64 13.66
CA THR B 205 -19.08 -2.20 13.32
C THR B 205 -19.33 -1.95 11.84
N ASN B 206 -19.86 -0.76 11.55
CA ASN B 206 -20.01 -0.25 10.17
C ASN B 206 -18.66 0.35 9.73
N GLY B 207 -17.71 0.50 10.65
CA GLY B 207 -16.35 0.99 10.35
C GLY B 207 -15.44 -0.09 9.81
N HIS B 208 -14.13 0.17 9.76
CA HIS B 208 -13.05 -0.71 9.24
C HIS B 208 -12.34 -1.39 10.41
N VAL B 209 -11.92 -2.65 10.25
CA VAL B 209 -11.22 -3.45 11.29
C VAL B 209 -9.81 -3.86 10.79
N TYR B 210 -8.79 -3.81 11.64
CA TYR B 210 -7.37 -4.14 11.32
C TYR B 210 -6.77 -4.95 12.48
N VAL B 211 -5.82 -5.82 12.18
CA VAL B 211 -5.07 -6.57 13.23
C VAL B 211 -3.57 -6.43 12.93
N THR B 212 -2.77 -6.10 13.96
CA THR B 212 -1.29 -5.97 13.84
C THR B 212 -0.69 -7.29 14.32
N GLN B 213 0.25 -7.85 13.55
CA GLN B 213 0.95 -9.14 13.85
C GLN B 213 2.46 -8.91 13.82
N GLY B 214 2.92 -7.80 14.42
CA GLY B 214 4.35 -7.46 14.56
C GLY B 214 5.08 -7.59 13.24
N SER B 215 5.93 -8.63 13.10
CA SER B 215 6.83 -8.85 11.93
C SER B 215 6.03 -9.33 10.71
N ALA B 216 4.88 -9.99 10.92
CA ALA B 216 3.96 -10.44 9.85
C ALA B 216 3.21 -9.25 9.25
N GLY B 217 3.33 -8.07 9.86
CA GLY B 217 2.73 -6.82 9.38
C GLY B 217 1.30 -6.65 9.88
N CYS B 218 0.49 -5.89 9.13
CA CYS B 218 -0.88 -5.49 9.49
C CYS B 218 -1.86 -5.98 8.43
N ASP B 219 -2.92 -6.67 8.84
CA ASP B 219 -4.05 -7.09 7.94
C ASP B 219 -5.27 -6.19 8.22
N TRP B 220 -6.12 -6.00 7.21
CA TRP B 220 -7.45 -5.37 7.37
C TRP B 220 -8.43 -5.75 6.24
N LEU B 221 -9.72 -5.61 6.52
CA LEU B 221 -10.83 -5.89 5.57
C LEU B 221 -11.29 -4.58 4.92
N GLU B 222 -11.37 -4.58 3.59
CA GLU B 222 -11.98 -3.51 2.76
C GLU B 222 -13.01 -4.14 1.81
N ASN B 223 -14.29 -3.90 2.08
CA ASN B 223 -15.46 -4.47 1.35
C ASN B 223 -15.24 -5.99 1.17
N GLY B 224 -15.09 -6.72 2.26
CA GLY B 224 -15.02 -8.20 2.22
C GLY B 224 -13.66 -8.68 1.78
N GLY B 225 -12.85 -7.82 1.17
CA GLY B 225 -11.52 -8.17 0.65
C GLY B 225 -10.45 -8.08 1.71
N ARG B 226 -9.60 -9.11 1.81
CA ARG B 226 -8.36 -9.14 2.65
C ARG B 226 -7.31 -8.18 2.05
N GLN B 227 -6.92 -7.15 2.79
CA GLN B 227 -5.82 -6.21 2.44
C GLN B 227 -4.70 -6.39 3.48
N HIS B 228 -3.45 -6.10 3.12
CA HIS B 228 -2.24 -6.35 3.95
C HIS B 228 -1.16 -5.33 3.64
N GLN B 229 -0.40 -4.94 4.66
CA GLN B 229 0.81 -4.08 4.53
C GLN B 229 1.94 -4.77 5.26
N PRO B 230 3.03 -5.16 4.54
CA PRO B 230 4.14 -5.87 5.17
C PRO B 230 4.86 -4.97 6.17
N ALA B 231 5.50 -5.57 7.17
CA ALA B 231 6.35 -4.84 8.15
C ALA B 231 7.69 -4.51 7.48
N PHE B 232 8.26 -3.35 7.79
CA PHE B 232 9.59 -2.91 7.29
C PHE B 232 10.67 -3.60 8.11
N LYS B 233 11.46 -4.48 7.47
CA LYS B 233 12.60 -5.21 8.07
C LYS B 233 13.67 -4.16 8.41
N VAL B 234 13.94 -3.98 9.71
CA VAL B 234 14.92 -2.98 10.24
C VAL B 234 15.71 -3.63 11.38
N ASP B 235 16.88 -3.07 11.74
CA ASP B 235 17.74 -3.59 12.85
C ASP B 235 17.17 -3.09 14.19
N VAL B 236 16.36 -3.94 14.85
CA VAL B 236 15.54 -3.54 16.05
C VAL B 236 16.49 -3.30 17.23
N VAL B 237 16.34 -2.17 17.92
CA VAL B 237 17.16 -1.77 19.10
C VAL B 237 16.25 -1.68 20.34
N ASP B 238 15.14 -0.94 20.26
CA ASP B 238 14.19 -0.67 21.38
C ASP B 238 12.75 -0.83 20.87
N THR B 239 11.98 -1.78 21.42
CA THR B 239 10.58 -2.00 20.97
C THR B 239 9.61 -1.29 21.93
N THR B 240 10.07 -0.31 22.70
CA THR B 240 9.27 0.39 23.78
C THR B 240 8.16 1.21 23.13
N GLY B 241 6.90 0.76 23.20
CA GLY B 241 5.69 1.50 22.78
C GLY B 241 5.56 1.62 21.27
N ALA B 242 6.18 0.70 20.53
CA ALA B 242 6.02 0.54 19.07
C ALA B 242 4.52 0.48 18.73
N GLY B 243 3.75 -0.36 19.43
CA GLY B 243 2.29 -0.53 19.22
C GLY B 243 1.52 0.76 19.40
N ASP B 244 1.81 1.49 20.48
CA ASP B 244 1.21 2.81 20.81
C ASP B 244 1.55 3.82 19.69
N VAL B 245 2.81 3.84 19.25
CA VAL B 245 3.31 4.78 18.20
C VAL B 245 2.55 4.52 16.89
N PHE B 246 2.37 3.25 16.53
CA PHE B 246 1.63 2.81 15.33
C PHE B 246 0.24 3.44 15.37
N HIS B 247 -0.49 3.33 16.48
CA HIS B 247 -1.89 3.83 16.59
C HIS B 247 -1.89 5.34 16.42
N GLY B 248 -0.94 6.03 17.06
CA GLY B 248 -0.74 7.49 16.91
C GLY B 248 -0.62 7.90 15.45
N ALA B 249 0.33 7.29 14.74
CA ALA B 249 0.66 7.59 13.33
C ALA B 249 -0.55 7.27 12.45
N LEU B 250 -1.21 6.12 12.68
CA LEU B 250 -2.35 5.65 11.86
C LEU B 250 -3.50 6.64 11.94
N ALA B 251 -3.78 7.18 13.13
CA ALA B 251 -4.86 8.15 13.37
C ALA B 251 -4.57 9.45 12.59
N VAL B 252 -3.36 9.98 12.70
CA VAL B 252 -2.90 11.22 12.01
C VAL B 252 -2.95 10.99 10.49
N ALA B 253 -2.48 9.84 10.00
CA ALA B 253 -2.42 9.53 8.56
C ALA B 253 -3.86 9.40 8.03
N LEU B 254 -4.75 8.71 8.76
CA LEU B 254 -6.16 8.51 8.32
C LEU B 254 -6.84 9.87 8.26
N ALA B 255 -6.56 10.77 9.20
CA ALA B 255 -7.12 12.14 9.26
C ALA B 255 -6.62 13.01 8.11
N THR B 256 -5.33 12.96 7.80
CA THR B 256 -4.65 13.72 6.71
C THR B 256 -5.06 13.19 5.33
N SER B 257 -4.97 11.86 5.08
CA SER B 257 -5.11 11.26 3.72
C SER B 257 -6.51 10.68 3.45
N GLY B 258 -7.16 10.03 4.41
CA GLY B 258 -8.40 9.28 4.12
C GLY B 258 -8.13 8.03 3.28
N ASP B 259 -6.86 7.76 2.96
CA ASP B 259 -6.39 6.55 2.23
C ASP B 259 -5.96 5.51 3.26
N LEU B 260 -6.67 4.38 3.35
CA LEU B 260 -6.36 3.28 4.29
C LEU B 260 -4.95 2.74 4.01
N ALA B 261 -4.73 2.22 2.82
CA ALA B 261 -3.46 1.60 2.35
C ALA B 261 -2.29 2.53 2.64
N GLU B 262 -2.39 3.81 2.24
CA GLU B 262 -1.31 4.81 2.44
C GLU B 262 -1.12 5.00 3.95
N SER B 263 -2.20 5.15 4.69
CA SER B 263 -2.16 5.40 6.15
C SER B 263 -1.41 4.27 6.86
N VAL B 264 -1.76 3.02 6.56
CA VAL B 264 -1.22 1.81 7.26
C VAL B 264 0.27 1.67 6.94
N ARG B 265 0.67 1.88 5.68
CA ARG B 265 2.11 1.95 5.26
C ARG B 265 2.84 2.98 6.11
N PHE B 266 2.28 4.18 6.20
CA PHE B 266 2.89 5.34 6.89
C PHE B 266 3.13 5.01 8.36
N ALA B 267 2.13 4.43 9.02
CA ALA B 267 2.18 4.06 10.45
C ALA B 267 3.27 3.00 10.66
N SER B 268 3.25 1.93 9.83
CA SER B 268 4.22 0.81 9.84
C SER B 268 5.66 1.35 9.73
N GLY B 269 5.83 2.45 9.01
CA GLY B 269 7.12 3.15 8.85
C GLY B 269 7.52 3.89 10.12
N VAL B 270 6.62 4.70 10.67
CA VAL B 270 6.91 5.50 11.89
C VAL B 270 7.36 4.51 12.96
N ALA B 271 6.60 3.42 13.13
CA ALA B 271 6.83 2.39 14.15
C ALA B 271 8.19 1.76 13.91
N ALA B 272 8.46 1.34 12.67
CA ALA B 272 9.72 0.67 12.26
C ALA B 272 10.91 1.59 12.56
N LEU B 273 10.86 2.85 12.10
CA LEU B 273 11.96 3.82 12.33
C LEU B 273 12.19 3.96 13.84
N LYS B 274 11.14 4.04 14.66
CA LYS B 274 11.26 4.21 16.14
C LYS B 274 12.03 3.00 16.71
N CYS B 275 11.82 1.79 16.16
CA CYS B 275 12.44 0.52 16.64
C CYS B 275 13.96 0.57 16.39
N THR B 276 14.42 1.37 15.43
CA THR B 276 15.88 1.51 15.09
C THR B 276 16.52 2.46 16.11
N ARG B 277 15.96 3.65 16.27
CA ARG B 277 16.44 4.72 17.19
C ARG B 277 16.22 4.25 18.64
N PRO B 278 17.13 4.54 19.58
CA PRO B 278 16.92 4.27 20.99
C PRO B 278 16.11 5.34 21.75
N GLY B 279 15.62 4.99 22.95
CA GLY B 279 15.04 5.94 23.92
C GLY B 279 13.53 5.96 23.95
N GLY B 280 12.88 4.91 23.42
CA GLY B 280 11.40 4.81 23.34
C GLY B 280 10.80 6.07 22.74
N ARG B 281 10.22 6.95 23.56
CA ARG B 281 9.50 8.18 23.14
C ARG B 281 10.47 9.16 22.48
N ALA B 282 11.78 9.03 22.77
CA ALA B 282 12.83 9.91 22.20
C ALA B 282 13.20 9.45 20.79
N GLY B 283 12.83 8.22 20.41
CA GLY B 283 13.13 7.60 19.11
C GLY B 283 12.10 7.91 18.03
N ILE B 284 10.99 8.59 18.38
CA ILE B 284 9.84 8.74 17.45
C ILE B 284 10.24 9.78 16.41
N PRO B 285 10.18 9.47 15.11
CA PRO B 285 10.50 10.43 14.05
C PRO B 285 9.37 11.42 13.75
N ASP B 286 9.52 12.28 12.72
CA ASP B 286 8.53 13.31 12.31
C ASP B 286 8.07 12.99 10.88
N CYS B 287 6.99 13.65 10.40
CA CYS B 287 6.34 13.34 9.08
C CYS B 287 7.47 13.39 8.04
N ASP B 288 8.50 14.24 8.22
CA ASP B 288 9.63 14.40 7.26
C ASP B 288 10.60 13.21 7.34
N GLN B 289 11.20 12.95 8.50
CA GLN B 289 12.17 11.85 8.72
C GLN B 289 11.56 10.52 8.23
N THR B 290 10.23 10.39 8.42
CA THR B 290 9.47 9.17 8.09
C THR B 290 9.33 9.04 6.57
N ARG B 291 8.74 10.06 5.96
CA ARG B 291 8.47 10.14 4.49
C ARG B 291 9.77 9.81 3.76
N SER B 292 10.89 10.35 4.26
CA SER B 292 12.27 10.11 3.74
C SER B 292 12.61 8.60 3.82
N PHE B 293 12.59 8.03 5.02
CA PHE B 293 12.86 6.59 5.28
C PHE B 293 11.98 5.72 4.36
N LEU B 294 10.69 6.06 4.22
CA LEU B 294 9.71 5.28 3.42
C LEU B 294 10.08 5.31 1.93
N SER B 295 10.60 6.44 1.44
CA SER B 295 10.93 6.65 0.02
C SER B 295 12.20 5.85 -0.32
N LEU B 296 13.03 5.52 0.68
CA LEU B 296 14.37 4.93 0.45
C LEU B 296 14.23 3.42 0.18
N PHE B 297 13.03 2.85 0.28
CA PHE B 297 12.81 1.37 0.23
C PHE B 297 12.69 0.84 -1.21
N VAL B 298 12.63 1.70 -2.26
CA VAL B 298 12.64 1.28 -3.70
C VAL B 298 14.06 1.46 -4.27
N MET C 1 17.29 -7.70 78.15
CA MET C 1 16.87 -7.79 76.72
C MET C 1 18.06 -8.34 75.91
N ILE C 2 17.77 -9.09 74.84
CA ILE C 2 18.75 -9.51 73.80
C ILE C 2 19.05 -8.28 72.93
N ARG C 3 20.32 -7.90 72.78
CA ARG C 3 20.76 -6.78 71.90
C ARG C 3 21.16 -7.39 70.55
N VAL C 4 20.51 -6.97 69.46
CA VAL C 4 20.64 -7.55 68.08
C VAL C 4 20.99 -6.43 67.10
N ALA C 5 21.97 -6.69 66.21
CA ALA C 5 22.30 -5.87 65.02
C ALA C 5 21.98 -6.66 63.75
N CYS C 6 21.30 -6.03 62.80
CA CYS C 6 21.00 -6.60 61.47
C CYS C 6 21.71 -5.75 60.41
N VAL C 7 22.70 -6.34 59.74
CA VAL C 7 23.50 -5.68 58.68
C VAL C 7 22.98 -6.15 57.33
N GLY C 8 22.71 -5.21 56.42
CA GLY C 8 22.39 -5.53 55.01
C GLY C 8 21.63 -4.45 54.30
N ILE C 9 20.64 -4.85 53.51
CA ILE C 9 19.90 -3.97 52.55
C ILE C 9 18.51 -3.65 53.13
N THR C 10 18.03 -2.45 52.83
CA THR C 10 16.63 -1.99 53.01
C THR C 10 16.18 -1.49 51.63
N VAL C 11 15.08 -2.05 51.11
CA VAL C 11 14.54 -1.76 49.75
C VAL C 11 13.05 -1.49 49.87
N MET C 12 12.51 -0.70 48.96
CA MET C 12 11.05 -0.48 48.86
C MET C 12 10.47 -1.61 48.01
N ASP C 13 9.65 -2.47 48.62
CA ASP C 13 8.92 -3.55 47.91
C ASP C 13 7.71 -2.88 47.23
N ARG C 14 7.57 -3.12 45.93
CA ARG C 14 6.40 -2.73 45.12
C ARG C 14 5.65 -4.02 44.79
N ILE C 15 4.65 -4.35 45.62
CA ILE C 15 3.99 -5.68 45.63
C ILE C 15 2.74 -5.58 44.73
N TYR C 16 2.70 -6.41 43.69
CA TYR C 16 1.56 -6.55 42.76
C TYR C 16 0.90 -7.91 42.96
N TYR C 17 -0.36 -7.90 43.42
CA TYR C 17 -1.18 -9.12 43.62
C TYR C 17 -1.94 -9.40 42.33
N VAL C 18 -1.72 -10.57 41.73
CA VAL C 18 -2.17 -10.97 40.35
C VAL C 18 -2.99 -12.25 40.48
N GLU C 19 -3.65 -12.71 39.41
CA GLU C 19 -4.42 -13.97 39.45
C GLU C 19 -3.45 -15.14 39.54
N GLY C 20 -2.51 -15.20 38.60
CA GLY C 20 -1.42 -16.18 38.58
C GLY C 20 -0.14 -15.49 38.16
N LEU C 21 1.02 -16.03 38.54
CA LEU C 21 2.33 -15.56 38.04
C LEU C 21 2.28 -15.61 36.51
N PRO C 22 2.81 -14.58 35.81
CA PRO C 22 2.94 -14.63 34.37
C PRO C 22 3.87 -15.76 33.92
N THR C 23 3.35 -16.58 32.98
CA THR C 23 4.02 -17.75 32.34
C THR C 23 4.68 -17.32 31.03
N GLU C 24 4.01 -16.48 30.25
CA GLU C 24 4.42 -16.03 28.89
C GLU C 24 4.38 -14.49 28.87
N SER C 25 4.82 -13.88 27.77
CA SER C 25 4.82 -12.42 27.49
C SER C 25 3.38 -11.86 27.43
N GLY C 26 3.24 -10.54 27.37
CA GLY C 26 1.95 -9.86 27.18
C GLY C 26 1.55 -9.02 28.36
N LYS C 27 0.29 -8.56 28.38
CA LYS C 27 -0.27 -7.57 29.34
C LYS C 27 -1.07 -8.28 30.43
N TYR C 28 -0.98 -7.82 31.68
CA TYR C 28 -1.74 -8.35 32.84
C TYR C 28 -2.24 -7.18 33.69
N VAL C 29 -3.23 -7.43 34.54
CA VAL C 29 -3.81 -6.39 35.44
C VAL C 29 -3.77 -6.92 36.88
N ALA C 30 -3.13 -6.18 37.78
CA ALA C 30 -3.05 -6.53 39.22
C ALA C 30 -4.41 -6.23 39.89
N ARG C 31 -4.93 -7.21 40.63
CA ARG C 31 -6.12 -7.09 41.51
C ARG C 31 -5.80 -6.10 42.65
N ASN C 32 -4.54 -5.99 43.08
CA ASN C 32 -4.14 -5.11 44.21
C ASN C 32 -2.65 -4.77 44.19
N TYR C 33 -2.28 -3.71 44.92
CA TYR C 33 -0.89 -3.17 45.02
C TYR C 33 -0.63 -2.61 46.42
N THR C 34 0.56 -2.85 46.96
CA THR C 34 1.06 -2.20 48.19
C THR C 34 2.55 -1.87 48.02
N GLU C 35 2.94 -0.71 48.56
CA GLU C 35 4.31 -0.17 48.50
C GLU C 35 4.78 -0.07 49.95
N VAL C 36 5.47 -1.13 50.40
CA VAL C 36 5.86 -1.33 51.82
C VAL C 36 7.38 -1.63 51.81
N GLY C 37 8.08 -1.23 52.86
CA GLY C 37 9.49 -1.55 53.06
C GLY C 37 9.75 -3.05 53.14
N GLY C 38 10.92 -3.46 52.68
CA GLY C 38 11.44 -4.83 52.83
C GLY C 38 12.96 -4.81 52.88
N GLY C 39 13.55 -5.95 52.45
CA GLY C 39 14.97 -6.26 52.58
C GLY C 39 15.19 -7.34 53.63
N PRO C 40 16.03 -8.36 53.38
CA PRO C 40 16.22 -9.44 54.35
C PRO C 40 16.58 -8.94 55.76
N ALA C 41 17.68 -8.18 55.86
CA ALA C 41 18.23 -7.73 57.16
C ALA C 41 17.25 -6.77 57.81
N ALA C 42 16.51 -5.98 57.04
CA ALA C 42 15.53 -4.99 57.56
C ALA C 42 14.33 -5.71 58.17
N THR C 43 13.74 -6.68 57.46
CA THR C 43 12.54 -7.44 57.91
C THR C 43 12.94 -8.31 59.11
N ALA C 44 14.12 -8.93 59.05
CA ALA C 44 14.75 -9.70 60.16
C ALA C 44 14.82 -8.82 61.40
N ALA C 45 15.22 -7.57 61.28
CA ALA C 45 15.29 -6.60 62.40
C ALA C 45 13.86 -6.36 62.91
N VAL C 46 12.91 -6.04 62.04
CA VAL C 46 11.49 -5.84 62.44
C VAL C 46 10.99 -7.08 63.19
N ALA C 47 11.30 -8.29 62.72
CA ALA C 47 10.85 -9.54 63.40
C ALA C 47 11.42 -9.59 64.82
N ALA C 48 12.72 -9.30 64.98
CA ALA C 48 13.46 -9.35 66.26
C ALA C 48 12.89 -8.32 67.23
N ALA C 49 12.58 -7.13 66.74
CA ALA C 49 11.94 -6.03 67.52
C ALA C 49 10.55 -6.48 68.02
N ARG C 50 9.73 -7.10 67.16
CA ARG C 50 8.38 -7.61 67.53
C ARG C 50 8.52 -8.72 68.58
N LEU C 51 9.66 -9.42 68.62
CA LEU C 51 9.97 -10.46 69.65
C LEU C 51 10.60 -9.81 70.89
N GLY C 52 10.85 -8.50 70.87
CA GLY C 52 11.14 -7.69 72.07
C GLY C 52 12.62 -7.61 72.36
N ALA C 53 13.43 -7.28 71.35
CA ALA C 53 14.90 -7.18 71.46
C ALA C 53 15.31 -5.73 71.19
N GLN C 54 16.44 -5.29 71.73
CA GLN C 54 17.11 -4.02 71.34
C GLN C 54 17.73 -4.32 69.97
N VAL C 55 17.07 -3.88 68.90
CA VAL C 55 17.44 -4.20 67.50
C VAL C 55 17.99 -2.93 66.83
N ASP C 56 19.17 -3.03 66.21
CA ASP C 56 19.76 -1.99 65.34
C ASP C 56 19.81 -2.52 63.90
N PHE C 57 19.46 -1.69 62.90
CA PHE C 57 19.64 -1.94 61.45
C PHE C 57 20.78 -1.07 60.90
N ILE C 58 21.82 -1.72 60.36
CA ILE C 58 23.03 -1.04 59.81
C ILE C 58 23.04 -1.33 58.30
N GLY C 59 22.74 -0.34 57.46
CA GLY C 59 22.72 -0.47 55.99
C GLY C 59 22.91 0.88 55.30
N ARG C 60 22.53 0.97 54.01
CA ARG C 60 22.65 2.19 53.17
C ARG C 60 21.29 2.55 52.57
N VAL C 61 20.95 3.85 52.59
CA VAL C 61 19.80 4.41 51.82
C VAL C 61 20.25 5.64 51.03
N GLY C 62 19.38 6.12 50.14
CA GLY C 62 19.55 7.38 49.41
C GLY C 62 19.11 8.57 50.25
N ASP C 63 19.24 9.78 49.70
CA ASP C 63 18.70 11.03 50.30
C ASP C 63 17.42 11.41 49.57
N ASP C 64 16.80 10.43 48.91
CA ASP C 64 15.52 10.57 48.17
C ASP C 64 14.36 10.33 49.13
N ASP C 65 13.13 10.59 48.68
CA ASP C 65 11.88 10.38 49.46
C ASP C 65 11.80 8.94 49.93
N THR C 66 12.16 7.97 49.07
CA THR C 66 12.10 6.52 49.37
C THR C 66 12.97 6.18 50.59
N GLY C 67 14.22 6.64 50.59
CA GLY C 67 15.15 6.49 51.72
C GLY C 67 14.49 6.91 53.01
N ASN C 68 13.87 8.10 53.01
CA ASN C 68 13.19 8.67 54.20
C ASN C 68 12.04 7.75 54.61
N SER C 69 11.20 7.35 53.66
CA SER C 69 10.06 6.42 53.91
C SER C 69 10.56 5.12 54.56
N LEU C 70 11.69 4.55 54.07
CA LEU C 70 12.24 3.23 54.53
C LEU C 70 12.70 3.33 55.99
N LEU C 71 13.49 4.35 56.32
CA LEU C 71 14.10 4.49 57.66
C LEU C 71 13.03 4.86 58.68
N ALA C 72 12.02 5.63 58.25
CA ALA C 72 10.87 6.06 59.10
C ALA C 72 10.04 4.83 59.47
N GLU C 73 9.78 3.95 58.50
CA GLU C 73 9.05 2.67 58.73
C GLU C 73 9.82 1.82 59.75
N LEU C 74 11.12 1.65 59.56
CA LEU C 74 11.97 0.82 60.46
C LEU C 74 11.80 1.35 61.90
N GLU C 75 11.91 2.68 62.08
CA GLU C 75 11.80 3.33 63.41
C GLU C 75 10.41 3.03 63.96
N SER C 76 9.37 3.27 63.18
CA SER C 76 7.95 3.07 63.58
C SER C 76 7.75 1.65 64.11
N TRP C 77 8.49 0.66 63.61
CA TRP C 77 8.44 -0.76 64.06
C TRP C 77 9.34 -0.96 65.29
N GLY C 78 10.03 0.07 65.75
CA GLY C 78 10.91 -0.01 66.92
C GLY C 78 12.29 -0.56 66.60
N VAL C 79 12.77 -0.32 65.37
CA VAL C 79 14.14 -0.68 64.94
C VAL C 79 14.96 0.61 64.87
N ASN C 80 16.09 0.67 65.58
CA ASN C 80 16.94 1.90 65.61
C ASN C 80 17.72 1.96 64.30
N THR C 81 17.69 3.10 63.61
CA THR C 81 18.36 3.33 62.31
C THR C 81 19.61 4.21 62.49
N ARG C 82 20.07 4.35 63.74
CA ARG C 82 21.11 5.35 64.14
C ARG C 82 22.40 5.16 63.33
N TYR C 83 22.81 3.95 62.99
CA TYR C 83 24.11 3.66 62.32
C TYR C 83 23.92 3.46 60.80
N THR C 84 22.73 3.68 60.26
CA THR C 84 22.45 3.51 58.81
C THR C 84 23.02 4.74 58.07
N LYS C 85 23.75 4.54 56.97
CA LYS C 85 24.40 5.61 56.16
C LYS C 85 23.43 6.15 55.11
N ARG C 86 23.13 7.45 55.13
CA ARG C 86 22.32 8.13 54.08
C ARG C 86 23.31 8.71 53.05
N TYR C 87 23.17 8.42 51.75
CA TYR C 87 24.06 8.92 50.67
C TYR C 87 23.42 10.10 49.94
N ASN C 88 24.25 11.08 49.60
CA ASN C 88 23.87 12.33 48.91
C ASN C 88 23.73 12.08 47.41
N GLN C 89 22.76 12.76 46.78
CA GLN C 89 22.34 12.62 45.36
C GLN C 89 22.29 11.13 45.05
N ALA C 90 21.43 10.39 45.77
CA ALA C 90 21.34 8.92 45.67
C ALA C 90 19.87 8.48 45.79
N LYS C 91 19.48 7.62 44.86
CA LYS C 91 18.23 6.83 44.88
C LYS C 91 18.49 5.57 45.71
N SER C 92 17.50 5.14 46.50
CA SER C 92 17.54 3.89 47.31
C SER C 92 17.21 2.71 46.40
N SER C 93 17.42 1.47 46.86
CA SER C 93 17.13 0.24 46.10
C SER C 93 15.63 -0.05 46.16
N GLN C 94 15.12 -0.89 45.27
CA GLN C 94 13.69 -1.26 45.24
C GLN C 94 13.53 -2.57 44.48
N SER C 95 12.35 -3.18 44.64
CA SER C 95 11.97 -4.48 44.02
C SER C 95 10.54 -4.39 43.53
N ALA C 96 10.28 -4.93 42.35
CA ALA C 96 8.95 -5.31 41.86
C ALA C 96 8.69 -6.74 42.31
N ILE C 97 7.56 -6.96 42.97
CA ILE C 97 7.13 -8.31 43.44
C ILE C 97 5.75 -8.60 42.88
N MET C 98 5.60 -9.76 42.26
CA MET C 98 4.32 -10.32 41.78
C MET C 98 3.96 -11.48 42.70
N VAL C 99 2.68 -11.52 43.12
CA VAL C 99 2.18 -12.45 44.17
C VAL C 99 0.90 -13.12 43.68
N ASP C 100 0.90 -14.47 43.62
CA ASP C 100 -0.22 -15.34 43.19
C ASP C 100 -1.31 -15.31 44.26
N THR C 101 -2.50 -15.86 43.97
CA THR C 101 -3.60 -16.08 44.95
C THR C 101 -3.16 -17.05 46.06
N LYS C 102 -2.27 -17.99 45.73
CA LYS C 102 -1.75 -19.08 46.61
C LYS C 102 -0.54 -18.60 47.44
N GLY C 103 -0.07 -17.36 47.26
CA GLY C 103 1.00 -16.74 48.07
C GLY C 103 2.39 -16.87 47.42
N GLU C 104 2.51 -17.52 46.26
CA GLU C 104 3.82 -17.70 45.56
C GLU C 104 4.30 -16.35 45.00
N ARG C 105 5.62 -16.09 45.01
CA ARG C 105 6.20 -14.75 44.72
C ARG C 105 7.29 -14.84 43.65
N ILE C 106 7.29 -13.89 42.70
CA ILE C 106 8.46 -13.55 41.84
C ILE C 106 8.98 -12.20 42.33
N ILE C 107 10.27 -12.11 42.64
CA ILE C 107 10.96 -10.87 43.08
C ILE C 107 11.96 -10.43 42.02
N ILE C 108 11.87 -9.18 41.58
CA ILE C 108 12.86 -8.51 40.71
C ILE C 108 13.43 -7.37 41.54
N ASN C 109 14.64 -7.54 42.06
CA ASN C 109 15.33 -6.51 42.86
C ASN C 109 16.18 -5.68 41.91
N TYR C 110 16.16 -4.35 42.08
CA TYR C 110 17.09 -3.40 41.41
C TYR C 110 17.93 -2.72 42.48
N PRO C 111 19.21 -3.15 42.63
CA PRO C 111 20.15 -2.47 43.50
C PRO C 111 20.54 -1.10 42.93
N SER C 112 20.36 -0.04 43.72
CA SER C 112 20.74 1.35 43.33
C SER C 112 22.25 1.47 43.08
N PRO C 113 22.66 1.91 41.87
CA PRO C 113 24.07 2.13 41.58
C PRO C 113 24.67 3.31 42.39
N ASP C 114 23.82 4.10 43.01
CA ASP C 114 24.21 5.26 43.84
C ASP C 114 24.84 4.79 45.14
N LEU C 115 24.49 3.61 45.65
CA LEU C 115 24.85 3.12 47.01
C LEU C 115 26.23 2.47 47.00
N LEU C 116 27.27 3.15 47.47
CA LEU C 116 28.68 2.71 47.32
C LEU C 116 28.96 1.49 48.21
N PRO C 117 29.70 0.46 47.70
CA PRO C 117 29.94 -0.76 48.48
C PRO C 117 30.87 -0.60 49.68
N ASP C 118 31.73 0.44 49.68
CA ASP C 118 32.61 0.81 50.84
C ASP C 118 31.85 0.47 52.13
N ALA C 119 32.52 -0.23 53.04
CA ALA C 119 32.03 -0.58 54.38
C ALA C 119 33.04 -0.17 55.45
N GLU C 120 34.03 0.68 55.15
CA GLU C 120 35.12 1.04 56.13
C GLU C 120 34.51 1.94 57.23
N TRP C 121 33.39 2.60 56.95
CA TRP C 121 32.65 3.38 57.96
C TRP C 121 32.19 2.51 59.14
N LEU C 122 31.97 1.22 58.94
CA LEU C 122 31.45 0.29 59.99
C LEU C 122 32.48 0.21 61.14
N GLU C 123 33.78 0.42 60.89
CA GLU C 123 34.87 0.34 61.92
C GLU C 123 34.65 1.34 63.06
N GLU C 124 33.96 2.46 62.83
CA GLU C 124 33.66 3.49 63.87
C GLU C 124 32.57 3.00 64.84
N ILE C 125 31.89 1.88 64.56
CA ILE C 125 30.76 1.36 65.41
C ILE C 125 31.34 0.29 66.37
N ASP C 126 30.92 0.28 67.64
CA ASP C 126 31.43 -0.65 68.70
C ASP C 126 30.58 -1.92 68.73
N PHE C 127 31.04 -2.99 68.07
CA PHE C 127 30.23 -4.23 67.86
C PHE C 127 30.06 -5.03 69.16
N SER C 128 30.87 -4.74 70.17
CA SER C 128 30.79 -5.37 71.52
C SER C 128 29.39 -5.18 72.11
N GLN C 129 28.65 -4.15 71.67
CA GLN C 129 27.41 -3.67 72.32
C GLN C 129 26.20 -4.54 71.98
N TRP C 130 26.36 -5.60 71.18
CA TRP C 130 25.26 -6.49 70.74
C TRP C 130 25.59 -7.95 71.10
N ASP C 131 24.56 -8.77 71.28
CA ASP C 131 24.66 -10.21 71.63
C ASP C 131 24.79 -11.06 70.35
N VAL C 132 24.20 -10.62 69.23
CA VAL C 132 24.25 -11.36 67.93
C VAL C 132 24.26 -10.32 66.80
N VAL C 133 24.97 -10.64 65.71
CA VAL C 133 24.99 -9.85 64.45
C VAL C 133 24.51 -10.77 63.31
N LEU C 134 23.33 -10.47 62.78
CA LEU C 134 22.72 -11.14 61.59
C LEU C 134 23.06 -10.28 60.39
N ALA C 135 23.51 -10.90 59.29
CA ALA C 135 23.76 -10.22 58.00
C ALA C 135 23.13 -10.99 56.85
N ASP C 136 22.69 -10.27 55.82
CA ASP C 136 22.25 -10.85 54.54
C ASP C 136 23.41 -10.69 53.55
N VAL C 137 23.29 -11.35 52.41
CA VAL C 137 24.39 -11.53 51.41
C VAL C 137 24.27 -10.46 50.32
N ARG C 138 23.32 -9.53 50.42
CA ARG C 138 23.03 -8.54 49.34
C ARG C 138 23.94 -7.32 49.48
N TRP C 139 24.47 -7.00 50.67
CA TRP C 139 25.58 -6.01 50.82
C TRP C 139 26.83 -6.76 51.26
N HIS C 140 27.56 -7.33 50.29
CA HIS C 140 28.64 -8.30 50.56
C HIS C 140 29.72 -7.66 51.44
N ASP C 141 30.12 -6.42 51.15
CA ASP C 141 31.30 -5.82 51.81
C ASP C 141 30.96 -5.49 53.27
N GLY C 142 29.72 -5.10 53.55
CA GLY C 142 29.24 -4.86 54.92
C GLY C 142 29.09 -6.15 55.72
N ALA C 143 28.58 -7.21 55.10
CA ALA C 143 28.47 -8.52 55.76
C ALA C 143 29.87 -8.91 56.25
N LYS C 144 30.89 -8.84 55.36
CA LYS C 144 32.27 -9.28 55.63
C LYS C 144 32.87 -8.43 56.75
N LYS C 145 32.69 -7.10 56.71
CA LYS C 145 33.27 -6.18 57.73
C LYS C 145 32.60 -6.47 59.08
N ALA C 146 31.27 -6.42 59.11
CA ALA C 146 30.45 -6.58 60.34
C ALA C 146 30.79 -7.90 61.04
N PHE C 147 31.01 -8.98 60.29
CA PHE C 147 31.31 -10.33 60.83
C PHE C 147 32.74 -10.34 61.38
N THR C 148 33.71 -9.71 60.69
CA THR C 148 35.11 -9.63 61.18
C THR C 148 35.12 -8.89 62.51
N LEU C 149 34.50 -7.70 62.56
CA LEU C 149 34.41 -6.89 63.80
C LEU C 149 33.76 -7.70 64.92
N ALA C 150 32.60 -8.30 64.63
CA ALA C 150 31.80 -9.08 65.60
C ALA C 150 32.62 -10.25 66.14
N ARG C 151 33.48 -10.85 65.30
CA ARG C 151 34.32 -12.02 65.69
C ARG C 151 35.45 -11.53 66.60
N GLN C 152 36.16 -10.46 66.22
CA GLN C 152 37.19 -9.78 67.07
C GLN C 152 36.59 -9.50 68.45
N ALA C 153 35.31 -9.09 68.52
CA ALA C 153 34.58 -8.72 69.77
C ALA C 153 34.00 -9.95 70.49
N GLY C 154 34.13 -11.14 69.88
CA GLY C 154 33.54 -12.41 70.38
C GLY C 154 32.01 -12.41 70.36
N VAL C 155 31.38 -11.78 69.36
CA VAL C 155 29.90 -11.73 69.19
C VAL C 155 29.47 -12.79 68.18
N MET C 156 28.30 -13.41 68.41
CA MET C 156 27.71 -14.48 67.57
C MET C 156 27.36 -13.89 66.21
N THR C 157 27.62 -14.64 65.14
CA THR C 157 27.34 -14.26 63.73
C THR C 157 26.31 -15.23 63.14
N VAL C 158 25.25 -14.69 62.55
CA VAL C 158 24.20 -15.46 61.81
C VAL C 158 24.09 -14.87 60.39
N LEU C 159 24.16 -15.72 59.38
CA LEU C 159 24.06 -15.37 57.93
C LEU C 159 22.70 -15.83 57.36
N ASP C 160 22.04 -14.96 56.59
CA ASP C 160 20.89 -15.30 55.72
C ASP C 160 21.47 -15.59 54.34
N GLY C 161 21.86 -16.85 54.08
CA GLY C 161 22.50 -17.27 52.82
C GLY C 161 21.52 -17.53 51.68
N ASP C 162 21.03 -16.47 51.04
CA ASP C 162 20.00 -16.49 49.96
C ASP C 162 20.69 -16.35 48.60
N ILE C 163 19.90 -16.30 47.52
CA ILE C 163 20.39 -16.16 46.11
C ILE C 163 20.98 -14.75 45.94
N THR C 164 22.26 -14.67 45.63
CA THR C 164 22.94 -13.42 45.22
C THR C 164 23.88 -13.77 44.07
N PRO C 165 24.16 -12.84 43.12
CA PRO C 165 25.10 -13.12 42.04
C PRO C 165 26.50 -13.53 42.52
N GLN C 166 27.03 -12.83 43.53
CA GLN C 166 28.43 -13.02 43.96
C GLN C 166 28.52 -14.32 44.75
N ASP C 167 29.74 -14.84 44.87
CA ASP C 167 30.13 -16.02 45.70
C ASP C 167 30.15 -15.60 47.17
N ILE C 168 29.38 -16.29 48.02
CA ILE C 168 29.32 -16.00 49.51
C ILE C 168 30.23 -16.94 50.31
N SER C 169 31.22 -17.58 49.69
CA SER C 169 32.15 -18.53 50.38
C SER C 169 32.80 -17.82 51.56
N GLU C 170 33.40 -16.65 51.35
CA GLU C 170 34.16 -15.95 52.42
C GLU C 170 33.20 -15.56 53.55
N LEU C 171 31.92 -15.29 53.27
CA LEU C 171 30.92 -14.93 54.32
C LEU C 171 30.54 -16.14 55.18
N VAL C 172 30.35 -17.31 54.56
CA VAL C 172 29.95 -18.56 55.28
C VAL C 172 31.04 -18.92 56.30
N ALA C 173 32.31 -18.67 55.95
CA ALA C 173 33.49 -18.94 56.80
C ALA C 173 33.51 -18.01 58.02
N LEU C 174 32.92 -16.80 57.94
CA LEU C 174 32.89 -15.84 59.08
C LEU C 174 31.66 -16.09 59.96
N SER C 175 30.80 -17.04 59.58
CA SER C 175 29.47 -17.32 60.20
C SER C 175 29.57 -18.42 61.28
N ASP C 176 29.15 -18.12 62.50
CA ASP C 176 28.95 -19.14 63.57
C ASP C 176 27.73 -20.01 63.21
N HIS C 177 26.75 -19.42 62.52
CA HIS C 177 25.53 -20.09 62.00
C HIS C 177 25.19 -19.51 60.62
N ALA C 178 25.19 -20.35 59.59
CA ALA C 178 24.88 -19.99 58.19
C ALA C 178 23.58 -20.67 57.81
N ALA C 179 22.46 -19.94 57.76
CA ALA C 179 21.12 -20.48 57.44
C ALA C 179 20.77 -20.18 55.98
N PHE C 180 20.97 -21.16 55.09
CA PHE C 180 20.78 -21.00 53.62
C PHE C 180 19.32 -21.23 53.26
N SER C 181 18.96 -20.76 52.07
CA SER C 181 17.76 -21.11 51.27
C SER C 181 18.13 -22.14 50.17
N GLU C 182 17.20 -22.98 49.72
CA GLU C 182 17.50 -24.04 48.71
C GLU C 182 18.27 -23.37 47.57
N PRO C 183 17.76 -22.27 46.98
CA PRO C 183 18.47 -21.61 45.89
C PRO C 183 19.85 -21.08 46.31
N GLY C 184 19.92 -20.43 47.47
CA GLY C 184 21.16 -19.84 47.97
C GLY C 184 22.25 -20.88 48.08
N LEU C 185 21.91 -22.03 48.67
CA LEU C 185 22.84 -23.15 48.90
C LEU C 185 23.27 -23.73 47.55
N ALA C 186 22.33 -23.84 46.61
CA ALA C 186 22.61 -24.35 45.26
C ALA C 186 23.63 -23.44 44.58
N ARG C 187 23.42 -22.12 44.61
CA ARG C 187 24.33 -21.16 43.92
C ARG C 187 25.74 -21.31 44.52
N LEU C 188 25.83 -21.50 45.83
CA LEU C 188 27.14 -21.52 46.54
C LEU C 188 27.94 -22.74 46.10
N THR C 189 27.30 -23.91 46.09
CA THR C 189 27.94 -25.24 45.92
C THR C 189 27.85 -25.69 44.46
N GLY C 190 26.91 -25.15 43.70
CA GLY C 190 26.52 -25.66 42.38
C GLY C 190 26.00 -27.08 42.47
N VAL C 191 25.33 -27.43 43.56
CA VAL C 191 24.69 -28.76 43.76
C VAL C 191 23.23 -28.53 44.16
N LYS C 192 22.31 -29.12 43.40
CA LYS C 192 20.84 -28.93 43.52
C LYS C 192 20.28 -30.01 44.47
N GLU C 193 21.06 -31.05 44.82
CA GLU C 193 20.64 -32.09 45.80
C GLU C 193 21.02 -31.60 47.22
N MET C 194 20.01 -31.18 47.99
CA MET C 194 20.22 -30.42 49.25
C MET C 194 21.10 -31.19 50.24
N ALA C 195 20.99 -32.51 50.29
CA ALA C 195 21.75 -33.35 51.25
C ALA C 195 23.26 -33.15 51.03
N SER C 196 23.73 -33.44 49.82
CA SER C 196 25.15 -33.35 49.42
C SER C 196 25.67 -31.93 49.65
N ALA C 197 24.87 -30.94 49.25
CA ALA C 197 25.16 -29.48 49.31
C ALA C 197 25.50 -29.11 50.75
N LEU C 198 24.58 -29.38 51.67
CA LEU C 198 24.78 -29.04 53.11
C LEU C 198 26.13 -29.61 53.56
N LYS C 199 26.50 -30.81 53.10
CA LYS C 199 27.76 -31.51 53.48
C LYS C 199 28.94 -30.72 52.89
N GLN C 200 28.85 -30.34 51.61
CA GLN C 200 29.87 -29.49 50.91
C GLN C 200 30.00 -28.17 51.68
N ALA C 201 28.89 -27.51 51.99
CA ALA C 201 28.85 -26.20 52.68
C ALA C 201 29.56 -26.29 54.04
N GLN C 202 29.39 -27.39 54.77
CA GLN C 202 29.92 -27.53 56.15
C GLN C 202 31.45 -27.38 56.10
N THR C 203 32.08 -27.84 55.02
CA THR C 203 33.56 -27.84 54.86
C THR C 203 34.11 -26.41 54.83
N LEU C 204 33.25 -25.41 54.63
CA LEU C 204 33.64 -23.99 54.40
C LEU C 204 33.74 -23.24 55.72
N THR C 205 33.29 -23.84 56.83
CA THR C 205 33.08 -23.09 58.10
C THR C 205 33.20 -24.04 59.30
N ASN C 206 33.73 -23.51 60.38
CA ASN C 206 33.78 -24.22 61.69
C ASN C 206 32.42 -24.03 62.37
N GLY C 207 31.56 -23.15 61.83
CA GLY C 207 30.20 -22.90 62.36
C GLY C 207 29.22 -23.96 61.91
N HIS C 208 27.93 -23.73 62.18
CA HIS C 208 26.80 -24.64 61.88
C HIS C 208 26.11 -24.19 60.59
N VAL C 209 25.64 -25.13 59.77
CA VAL C 209 24.98 -24.85 58.47
C VAL C 209 23.56 -25.44 58.46
N TYR C 210 22.60 -24.69 57.93
CA TYR C 210 21.16 -25.06 57.87
C TYR C 210 20.64 -24.73 56.47
N VAL C 211 19.68 -25.51 55.97
CA VAL C 211 18.95 -25.17 54.72
C VAL C 211 17.45 -25.21 55.02
N THR C 212 16.73 -24.15 54.65
CA THR C 212 15.25 -24.08 54.83
C THR C 212 14.61 -24.43 53.50
N GLN C 213 13.64 -25.34 53.49
CA GLN C 213 12.99 -25.90 52.27
C GLN C 213 11.47 -25.76 52.39
N GLY C 214 10.99 -24.61 52.88
CA GLY C 214 9.56 -24.27 52.96
C GLY C 214 8.76 -25.36 53.64
N SER C 215 7.96 -26.12 52.88
CA SER C 215 7.02 -27.18 53.37
C SER C 215 7.81 -28.42 53.84
N ALA C 216 8.98 -28.67 53.26
CA ALA C 216 9.87 -29.80 53.63
C ALA C 216 10.57 -29.52 54.97
N GLY C 217 10.42 -28.29 55.48
CA GLY C 217 10.97 -27.87 56.79
C GLY C 217 12.41 -27.40 56.69
N CYS C 218 13.16 -27.52 57.77
CA CYS C 218 14.57 -27.07 57.89
C CYS C 218 15.48 -28.25 58.22
N ASP C 219 16.56 -28.44 57.46
CA ASP C 219 17.64 -29.43 57.75
C ASP C 219 18.86 -28.70 58.28
N TRP C 220 19.67 -29.38 59.08
CA TRP C 220 21.02 -28.88 59.52
C TRP C 220 21.91 -30.04 60.02
N LEU C 221 23.22 -29.80 60.01
CA LEU C 221 24.24 -30.78 60.44
C LEU C 221 24.69 -30.40 61.85
N GLU C 222 24.73 -31.39 62.76
CA GLU C 222 25.29 -31.28 64.14
C GLU C 222 26.24 -32.46 64.38
N ASN C 223 27.55 -32.19 64.43
CA ASN C 223 28.64 -33.19 64.58
C ASN C 223 28.41 -34.34 63.59
N GLY C 224 28.36 -34.03 62.29
CA GLY C 224 28.26 -35.06 61.24
C GLY C 224 26.86 -35.62 61.13
N GLY C 225 26.02 -35.42 62.13
CA GLY C 225 24.64 -35.98 62.18
C GLY C 225 23.66 -35.09 61.45
N ARG C 226 22.83 -35.68 60.57
CA ARG C 226 21.73 -35.01 59.86
C ARG C 226 20.58 -34.77 60.85
N GLN C 227 20.21 -33.50 61.10
CA GLN C 227 19.09 -33.12 62.00
C GLN C 227 18.04 -32.39 61.16
N HIS C 228 16.77 -32.44 61.59
CA HIS C 228 15.60 -31.92 60.83
C HIS C 228 14.53 -31.40 61.79
N GLN C 229 13.83 -30.33 61.39
CA GLN C 229 12.65 -29.75 62.08
C GLN C 229 11.53 -29.64 61.06
N PRO C 230 10.41 -30.38 61.24
CA PRO C 230 9.32 -30.36 60.27
C PRO C 230 8.68 -28.99 60.24
N ALA C 231 8.07 -28.64 59.11
CA ALA C 231 7.29 -27.40 58.95
C ALA C 231 5.94 -27.58 59.66
N PHE C 232 5.43 -26.50 60.25
CA PHE C 232 4.11 -26.45 60.91
C PHE C 232 3.03 -26.33 59.84
N LYS C 233 2.17 -27.35 59.71
CA LYS C 233 0.98 -27.37 58.82
C LYS C 233 0.03 -26.25 59.28
N VAL C 234 -0.15 -25.21 58.45
CA VAL C 234 -0.99 -24.02 58.75
C VAL C 234 -1.74 -23.64 57.46
N ASP C 235 -2.85 -22.92 57.61
CA ASP C 235 -3.62 -22.30 56.48
C ASP C 235 -2.88 -21.02 56.05
N VAL C 236 -2.06 -21.12 55.01
CA VAL C 236 -1.20 -20.02 54.50
C VAL C 236 -2.09 -18.95 53.85
N VAL C 237 -1.91 -17.68 54.23
CA VAL C 237 -2.71 -16.51 53.75
C VAL C 237 -1.75 -15.53 53.06
N ASP C 238 -0.66 -15.13 53.73
CA ASP C 238 0.33 -14.11 53.30
C ASP C 238 1.75 -14.66 53.46
N THR C 239 2.52 -14.80 52.38
CA THR C 239 3.91 -15.35 52.44
C THR C 239 4.94 -14.19 52.57
N THR C 240 4.50 -12.97 52.93
CA THR C 240 5.32 -11.72 52.90
C THR C 240 6.45 -11.81 53.93
N GLY C 241 7.68 -12.02 53.45
CA GLY C 241 8.93 -11.93 54.24
C GLY C 241 9.12 -13.11 55.16
N ALA C 242 8.50 -14.26 54.86
CA ALA C 242 8.53 -15.47 55.71
C ALA C 242 9.98 -15.83 56.03
N GLY C 243 10.81 -15.92 54.99
CA GLY C 243 12.24 -16.31 55.11
C GLY C 243 13.02 -15.33 55.95
N ASP C 244 12.80 -14.03 55.76
CA ASP C 244 13.42 -12.92 56.53
C ASP C 244 13.00 -13.02 58.00
N VAL C 245 11.74 -13.29 58.27
CA VAL C 245 11.18 -13.38 59.65
C VAL C 245 11.81 -14.57 60.37
N PHE C 246 11.94 -15.71 59.69
CA PHE C 246 12.65 -16.91 60.19
C PHE C 246 14.06 -16.51 60.66
N HIS C 247 14.84 -15.80 59.86
CA HIS C 247 16.23 -15.42 60.20
C HIS C 247 16.23 -14.52 61.44
N GLY C 248 15.30 -13.58 61.51
CA GLY C 248 15.10 -12.71 62.69
C GLY C 248 14.90 -13.50 63.96
N ALA C 249 13.94 -14.42 63.95
CA ALA C 249 13.56 -15.27 65.11
C ALA C 249 14.74 -16.19 65.47
N LEU C 250 15.40 -16.79 64.48
CA LEU C 250 16.51 -17.75 64.67
C LEU C 250 17.66 -17.07 65.39
N ALA C 251 17.97 -15.82 65.01
CA ALA C 251 19.05 -15.02 65.62
C ALA C 251 18.76 -14.78 67.10
N VAL C 252 17.54 -14.33 67.41
CA VAL C 252 17.06 -14.04 68.78
C VAL C 252 17.08 -15.35 69.61
N ALA C 253 16.59 -16.44 69.04
CA ALA C 253 16.49 -17.75 69.74
C ALA C 253 17.90 -18.29 70.01
N LEU C 254 18.80 -18.21 69.04
CA LEU C 254 20.19 -18.70 69.20
C LEU C 254 20.91 -17.87 70.28
N ALA C 255 20.66 -16.57 70.34
CA ALA C 255 21.23 -15.65 71.37
C ALA C 255 20.68 -15.95 72.76
N THR C 256 19.36 -16.18 72.89
CA THR C 256 18.62 -16.50 74.14
C THR C 256 19.00 -17.90 74.65
N SER C 257 18.91 -18.95 73.82
CA SER C 257 18.97 -20.37 74.26
C SER C 257 20.34 -21.01 74.01
N GLY C 258 20.98 -20.78 72.87
CA GLY C 258 22.18 -21.55 72.50
C GLY C 258 21.85 -23.01 72.20
N ASP C 259 20.56 -23.39 72.24
CA ASP C 259 20.02 -24.71 71.79
C ASP C 259 19.63 -24.61 70.32
N LEU C 260 20.32 -25.33 69.44
CA LEU C 260 20.04 -25.35 67.97
C LEU C 260 18.61 -25.83 67.72
N ALA C 261 18.32 -27.07 68.10
CA ALA C 261 17.00 -27.74 67.92
C ALA C 261 15.87 -26.84 68.41
N GLU C 262 15.98 -26.31 69.64
CA GLU C 262 14.94 -25.43 70.24
C GLU C 262 14.83 -24.17 69.38
N SER C 263 15.97 -23.56 69.04
CA SER C 263 16.01 -22.30 68.26
C SER C 263 15.27 -22.50 66.93
N VAL C 264 15.59 -23.55 66.18
CA VAL C 264 15.06 -23.81 64.81
C VAL C 264 13.55 -24.06 64.89
N ARG C 265 13.06 -24.85 65.86
CA ARG C 265 11.61 -25.07 66.10
C ARG C 265 10.95 -23.70 66.32
N PHE C 266 11.53 -22.87 67.20
CA PHE C 266 10.97 -21.56 67.59
C PHE C 266 10.81 -20.65 66.36
N ALA C 267 11.85 -20.59 65.52
CA ALA C 267 11.90 -19.75 64.30
C ALA C 267 10.84 -20.25 63.32
N SER C 268 10.79 -21.57 63.07
CA SER C 268 9.83 -22.26 62.17
C SER C 268 8.39 -21.92 62.58
N GLY C 269 8.17 -21.73 63.87
CA GLY C 269 6.86 -21.33 64.43
C GLY C 269 6.57 -19.87 64.15
N VAL C 270 7.50 -18.96 64.45
CA VAL C 270 7.29 -17.50 64.22
C VAL C 270 6.92 -17.32 62.75
N ALA C 271 7.67 -17.97 61.86
CA ALA C 271 7.51 -17.88 60.40
C ALA C 271 6.12 -18.41 60.03
N ALA C 272 5.76 -19.58 60.53
CA ALA C 272 4.47 -20.25 60.24
C ALA C 272 3.32 -19.36 60.72
N LEU C 273 3.36 -18.86 61.96
CA LEU C 273 2.31 -17.96 62.52
C LEU C 273 2.17 -16.75 61.59
N LYS C 274 3.26 -16.16 61.11
CA LYS C 274 3.22 -14.95 60.24
C LYS C 274 2.47 -15.30 58.96
N CYS C 275 2.62 -16.52 58.44
CA CYS C 275 1.97 -17.00 57.19
C CYS C 275 0.43 -17.04 57.37
N THR C 276 -0.06 -17.18 58.60
CA THR C 276 -1.52 -17.21 58.91
C THR C 276 -2.05 -15.77 58.96
N ARG C 277 -1.44 -14.92 59.79
CA ARG C 277 -1.85 -13.51 60.04
C ARG C 277 -1.56 -12.70 58.78
N PRO C 278 -2.52 -11.88 58.29
CA PRO C 278 -2.27 -10.97 57.16
C PRO C 278 -1.66 -9.62 57.57
N GLY C 279 -1.31 -8.77 56.59
CA GLY C 279 -0.76 -7.41 56.79
C GLY C 279 0.75 -7.37 56.58
N GLY C 280 1.34 -8.40 55.97
CA GLY C 280 2.81 -8.57 55.81
C GLY C 280 3.53 -8.35 57.13
N ARG C 281 4.17 -7.18 57.29
CA ARG C 281 5.00 -6.85 58.47
C ARG C 281 4.11 -6.67 59.70
N ALA C 282 2.81 -6.44 59.53
CA ALA C 282 1.83 -6.29 60.63
C ALA C 282 1.37 -7.66 61.12
N GLY C 283 1.67 -8.74 60.37
CA GLY C 283 1.32 -10.14 60.71
C GLY C 283 2.39 -10.81 61.57
N ILE C 284 3.52 -10.15 61.83
CA ILE C 284 4.66 -10.75 62.55
C ILE C 284 4.26 -10.81 64.02
N PRO C 285 4.32 -12.02 64.64
CA PRO C 285 3.91 -12.18 66.03
C PRO C 285 4.96 -11.72 67.04
N ASP C 286 4.61 -11.79 68.33
CA ASP C 286 5.45 -11.38 69.48
C ASP C 286 5.72 -12.61 70.37
N CYS C 287 6.64 -12.53 71.36
CA CYS C 287 7.10 -13.72 72.13
C CYS C 287 5.84 -14.36 72.74
N ASP C 288 4.78 -13.58 73.02
CA ASP C 288 3.50 -14.09 73.60
C ASP C 288 2.68 -14.85 72.54
N GLN C 289 2.30 -14.18 71.45
CA GLN C 289 1.48 -14.77 70.36
C GLN C 289 2.16 -16.05 69.85
N THR C 290 3.49 -16.09 69.88
CA THR C 290 4.34 -17.21 69.40
C THR C 290 4.21 -18.40 70.36
N ARG C 291 4.58 -18.15 71.62
CA ARG C 291 4.55 -19.14 72.74
C ARG C 291 3.19 -19.85 72.69
N SER C 292 2.12 -19.07 72.53
CA SER C 292 0.72 -19.51 72.44
C SER C 292 0.54 -20.47 71.25
N PHE C 293 0.84 -20.01 70.02
CA PHE C 293 0.74 -20.81 68.78
C PHE C 293 1.51 -22.13 68.94
N LEU C 294 2.72 -22.06 69.51
CA LEU C 294 3.61 -23.24 69.66
C LEU C 294 3.00 -24.26 70.65
N SER C 295 2.24 -23.79 71.64
CA SER C 295 1.57 -24.63 72.68
C SER C 295 0.51 -25.54 72.07
N LEU C 296 -0.04 -25.20 70.89
CA LEU C 296 -1.03 -26.07 70.20
C LEU C 296 -0.34 -27.31 69.60
N PHE C 297 0.99 -27.36 69.60
CA PHE C 297 1.79 -28.42 68.91
C PHE C 297 2.51 -29.32 69.92
N VAL C 298 2.23 -29.23 71.22
CA VAL C 298 3.03 -29.89 72.30
C VAL C 298 3.12 -31.42 72.04
N LEU C 299 2.03 -32.09 71.63
CA LEU C 299 2.06 -33.56 71.39
C LEU C 299 3.16 -33.88 70.35
N MET D 1 22.99 1.81 -11.62
CA MET D 1 22.58 1.79 -13.07
C MET D 1 22.04 0.39 -13.43
N ILE D 2 20.71 0.28 -13.59
CA ILE D 2 20.02 -0.98 -13.99
C ILE D 2 20.14 -1.09 -15.51
N ARG D 3 20.65 -2.22 -16.03
CA ARG D 3 20.72 -2.52 -17.49
C ARG D 3 19.46 -3.33 -17.85
N VAL D 4 18.63 -2.79 -18.78
CA VAL D 4 17.28 -3.34 -19.12
C VAL D 4 17.21 -3.58 -20.64
N ALA D 5 16.66 -4.74 -21.03
CA ALA D 5 16.26 -5.08 -22.42
C ALA D 5 14.72 -5.21 -22.51
N CYS D 6 14.12 -4.62 -23.53
CA CYS D 6 12.67 -4.75 -23.85
C CYS D 6 12.53 -5.44 -25.21
N VAL D 7 11.99 -6.65 -25.23
CA VAL D 7 11.77 -7.45 -26.46
C VAL D 7 10.28 -7.36 -26.83
N GLY D 8 9.98 -7.04 -28.09
CA GLY D 8 8.60 -7.11 -28.63
C GLY D 8 8.38 -6.19 -29.83
N ILE D 9 7.22 -5.53 -29.86
CA ILE D 9 6.63 -4.81 -31.03
C ILE D 9 6.87 -3.30 -30.86
N THR D 10 7.13 -2.60 -31.98
CA THR D 10 7.09 -1.12 -32.11
C THR D 10 6.16 -0.82 -33.29
N VAL D 11 5.11 -0.02 -33.08
CA VAL D 11 4.02 0.25 -34.07
C VAL D 11 3.77 1.76 -34.11
N MET D 12 3.27 2.28 -35.23
CA MET D 12 2.79 3.68 -35.28
C MET D 12 1.32 3.67 -34.82
N ASP D 13 1.03 4.30 -33.69
CA ASP D 13 -0.35 4.50 -33.18
C ASP D 13 -0.97 5.63 -33.99
N ARG D 14 -2.14 5.38 -34.56
CA ARG D 14 -3.00 6.39 -35.23
C ARG D 14 -4.18 6.65 -34.29
N ILE D 15 -4.10 7.72 -33.51
CA ILE D 15 -5.01 8.02 -32.37
C ILE D 15 -6.14 8.93 -32.89
N TYR D 16 -7.38 8.47 -32.79
CA TYR D 16 -8.62 9.22 -33.14
C TYR D 16 -9.39 9.53 -31.86
N TYR D 17 -9.49 10.82 -31.49
CA TYR D 17 -10.26 11.28 -30.30
C TYR D 17 -11.71 11.54 -30.74
N VAL D 18 -12.66 10.83 -30.12
CA VAL D 18 -14.09 10.72 -30.53
C VAL D 18 -14.96 11.14 -29.35
N GLU D 19 -16.26 11.35 -29.56
CA GLU D 19 -17.21 11.67 -28.47
C GLU D 19 -17.33 10.43 -27.58
N GLY D 20 -17.70 9.31 -28.19
CA GLY D 20 -17.83 8.02 -27.49
C GLY D 20 -17.23 6.90 -28.31
N LEU D 21 -16.72 5.85 -27.64
CA LEU D 21 -16.27 4.62 -28.32
C LEU D 21 -17.45 4.09 -29.14
N PRO D 22 -17.22 3.61 -30.38
CA PRO D 22 -18.26 2.91 -31.13
C PRO D 22 -18.69 1.62 -30.42
N THR D 23 -20.01 1.46 -30.21
CA THR D 23 -20.64 0.24 -29.64
C THR D 23 -21.17 -0.64 -30.78
N GLU D 24 -21.83 -0.03 -31.76
CA GLU D 24 -22.49 -0.70 -32.93
C GLU D 24 -21.95 -0.09 -34.23
N SER D 25 -22.36 -0.62 -35.39
CA SER D 25 -21.94 -0.19 -36.76
C SER D 25 -22.46 1.23 -37.06
N GLY D 26 -21.99 1.83 -38.16
CA GLY D 26 -22.38 3.19 -38.58
C GLY D 26 -21.18 4.14 -38.54
N LYS D 27 -21.47 5.43 -38.72
CA LYS D 27 -20.48 6.52 -38.97
C LYS D 27 -20.24 7.30 -37.67
N TYR D 28 -19.01 7.72 -37.42
CA TYR D 28 -18.60 8.56 -36.26
C TYR D 28 -17.65 9.66 -36.74
N VAL D 29 -17.45 10.70 -35.92
CA VAL D 29 -16.65 11.90 -36.30
C VAL D 29 -15.58 12.15 -35.23
N ALA D 30 -14.31 12.15 -35.62
CA ALA D 30 -13.20 12.44 -34.68
C ALA D 30 -13.11 13.96 -34.49
N ARG D 31 -13.10 14.41 -33.24
CA ARG D 31 -12.78 15.81 -32.83
C ARG D 31 -11.30 16.09 -33.16
N ASN D 32 -10.42 15.08 -33.09
CA ASN D 32 -8.96 15.26 -33.28
C ASN D 32 -8.24 13.94 -33.56
N TYR D 33 -7.01 14.07 -34.10
CA TYR D 33 -6.14 12.95 -34.55
C TYR D 33 -4.67 13.29 -34.28
N THR D 34 -3.90 12.28 -33.86
CA THR D 34 -2.41 12.34 -33.76
C THR D 34 -1.82 10.97 -34.16
N GLU D 35 -0.64 11.01 -34.77
CA GLU D 35 0.22 9.85 -35.12
C GLU D 35 1.44 9.88 -34.20
N VAL D 36 1.44 9.01 -33.20
CA VAL D 36 2.50 8.89 -32.15
C VAL D 36 3.02 7.44 -32.18
N GLY D 37 4.31 7.22 -31.96
CA GLY D 37 4.86 5.86 -31.87
C GLY D 37 4.37 5.16 -30.62
N GLY D 38 4.20 3.84 -30.68
CA GLY D 38 3.76 3.02 -29.55
C GLY D 38 4.27 1.60 -29.64
N GLY D 39 3.52 0.66 -29.04
CA GLY D 39 3.90 -0.75 -28.84
C GLY D 39 4.21 -1.00 -27.36
N PRO D 40 3.73 -2.12 -26.79
CA PRO D 40 3.98 -2.41 -25.38
C PRO D 40 5.47 -2.34 -24.99
N ALA D 41 6.31 -3.13 -25.65
CA ALA D 41 7.73 -3.29 -25.27
C ALA D 41 8.45 -1.96 -25.53
N ALA D 42 8.04 -1.21 -26.55
CA ALA D 42 8.67 0.07 -26.96
C ALA D 42 8.39 1.15 -25.88
N THR D 43 7.12 1.30 -25.47
CA THR D 43 6.70 2.31 -24.45
C THR D 43 7.30 1.95 -23.08
N ALA D 44 7.28 0.65 -22.75
CA ALA D 44 7.94 0.07 -21.55
C ALA D 44 9.41 0.50 -21.51
N ALA D 45 10.11 0.41 -22.64
CA ALA D 45 11.54 0.82 -22.77
C ALA D 45 11.64 2.34 -22.50
N VAL D 46 10.83 3.14 -23.18
CA VAL D 46 10.81 4.62 -22.97
C VAL D 46 10.61 4.91 -21.48
N ALA D 47 9.70 4.22 -20.80
CA ALA D 47 9.42 4.47 -19.36
C ALA D 47 10.70 4.20 -18.56
N ALA D 48 11.39 3.09 -18.83
CA ALA D 48 12.57 2.61 -18.09
C ALA D 48 13.74 3.59 -18.29
N ALA D 49 13.89 4.10 -19.52
CA ALA D 49 14.88 5.13 -19.88
C ALA D 49 14.63 6.42 -19.09
N ARG D 50 13.38 6.89 -19.01
CA ARG D 50 12.98 8.11 -18.26
C ARG D 50 13.27 7.90 -16.76
N LEU D 51 13.26 6.64 -16.28
CA LEU D 51 13.60 6.29 -14.87
C LEU D 51 15.11 6.13 -14.71
N GLY D 52 15.88 6.20 -15.80
CA GLY D 52 17.35 6.36 -15.77
C GLY D 52 18.06 5.02 -15.77
N ALA D 53 17.68 4.14 -16.69
CA ALA D 53 18.27 2.80 -16.87
C ALA D 53 18.96 2.75 -18.23
N GLN D 54 20.00 1.92 -18.38
CA GLN D 54 20.58 1.56 -19.70
C GLN D 54 19.57 0.61 -20.34
N VAL D 55 18.75 1.13 -21.26
CA VAL D 55 17.59 0.41 -21.86
C VAL D 55 17.91 0.08 -23.32
N ASP D 56 17.74 -1.18 -23.71
CA ASP D 56 17.81 -1.65 -25.12
C ASP D 56 16.40 -2.08 -25.56
N PHE D 57 15.96 -1.70 -26.78
CA PHE D 57 14.73 -2.21 -27.43
C PHE D 57 15.10 -3.17 -28.57
N ILE D 58 14.65 -4.42 -28.49
CA ILE D 58 14.92 -5.49 -29.49
C ILE D 58 13.58 -5.86 -30.13
N GLY D 59 13.36 -5.46 -31.38
CA GLY D 59 12.15 -5.75 -32.16
C GLY D 59 12.41 -5.71 -33.66
N ARG D 60 11.35 -5.64 -34.47
CA ARG D 60 11.41 -5.69 -35.96
C ARG D 60 10.67 -4.49 -36.54
N VAL D 61 11.27 -3.81 -37.52
CA VAL D 61 10.67 -2.65 -38.26
C VAL D 61 10.90 -2.85 -39.76
N GLY D 62 10.19 -2.06 -40.57
CA GLY D 62 10.40 -2.01 -42.02
C GLY D 62 11.54 -1.07 -42.39
N ASP D 63 11.83 -0.97 -43.69
CA ASP D 63 12.77 0.02 -44.29
C ASP D 63 11.97 1.19 -44.86
N ASP D 64 10.71 1.32 -44.43
CA ASP D 64 9.77 2.39 -44.87
C ASP D 64 9.97 3.62 -44.00
N ASP D 65 9.34 4.75 -44.36
CA ASP D 65 9.39 6.03 -43.61
C ASP D 65 8.98 5.79 -42.14
N THR D 66 7.93 5.01 -41.92
CA THR D 66 7.35 4.71 -40.60
C THR D 66 8.39 4.07 -39.69
N GLY D 67 9.05 3.02 -40.19
CA GLY D 67 10.15 2.33 -39.48
C GLY D 67 11.17 3.35 -38.97
N ASN D 68 11.60 4.24 -39.85
CA ASN D 68 12.62 5.28 -39.52
C ASN D 68 12.07 6.19 -38.44
N SER D 69 10.84 6.69 -38.59
CA SER D 69 10.17 7.55 -37.59
C SER D 69 10.15 6.86 -36.21
N LEU D 70 9.83 5.56 -36.17
CA LEU D 70 9.65 4.78 -34.90
C LEU D 70 10.98 4.65 -34.16
N LEU D 71 12.03 4.23 -34.88
CA LEU D 71 13.35 3.93 -34.26
C LEU D 71 14.03 5.24 -33.86
N ALA D 72 13.79 6.32 -34.61
CA ALA D 72 14.31 7.67 -34.33
C ALA D 72 13.72 8.20 -33.02
N GLU D 73 12.40 8.04 -32.83
CA GLU D 73 11.69 8.43 -31.57
C GLU D 73 12.30 7.67 -30.39
N LEU D 74 12.45 6.35 -30.53
CA LEU D 74 13.00 5.49 -29.44
C LEU D 74 14.38 6.06 -29.01
N GLU D 75 15.25 6.34 -29.98
CA GLU D 75 16.62 6.87 -29.75
C GLU D 75 16.49 8.21 -29.03
N SER D 76 15.66 9.11 -29.56
CA SER D 76 15.45 10.48 -29.02
C SER D 76 15.08 10.40 -27.53
N TRP D 77 14.40 9.35 -27.10
CA TRP D 77 13.99 9.13 -25.69
C TRP D 77 15.14 8.50 -24.90
N GLY D 78 16.26 8.19 -25.54
CA GLY D 78 17.43 7.57 -24.88
C GLY D 78 17.27 6.07 -24.77
N VAL D 79 16.56 5.43 -25.71
CA VAL D 79 16.46 3.94 -25.81
C VAL D 79 17.36 3.51 -26.98
N ASN D 80 18.32 2.62 -26.73
CA ASN D 80 19.28 2.15 -27.78
C ASN D 80 18.52 1.18 -28.68
N THR D 81 18.59 1.38 -30.01
CA THR D 81 17.87 0.55 -31.02
C THR D 81 18.88 -0.36 -31.74
N ARG D 82 20.08 -0.52 -31.19
CA ARG D 82 21.24 -1.21 -31.82
C ARG D 82 20.87 -2.63 -32.26
N TYR D 83 20.06 -3.38 -31.50
CA TYR D 83 19.76 -4.81 -31.76
C TYR D 83 18.39 -4.98 -32.45
N THR D 84 17.73 -3.90 -32.85
CA THR D 84 16.44 -3.97 -33.59
C THR D 84 16.74 -4.34 -35.04
N LYS D 85 16.01 -5.31 -35.59
CA LYS D 85 16.15 -5.79 -37.01
C LYS D 85 15.32 -4.90 -37.93
N ARG D 86 15.96 -4.23 -38.90
CA ARG D 86 15.26 -3.53 -40.01
C ARG D 86 15.17 -4.54 -41.17
N TYR D 87 13.97 -4.83 -41.66
CA TYR D 87 13.75 -5.64 -42.90
C TYR D 87 13.84 -4.71 -44.11
N ASN D 88 14.53 -5.14 -45.17
CA ASN D 88 15.28 -4.23 -46.08
C ASN D 88 14.34 -3.60 -47.08
N GLN D 89 13.22 -4.28 -47.34
CA GLN D 89 12.10 -3.79 -48.18
C GLN D 89 10.75 -4.30 -47.64
N ALA D 90 10.24 -3.60 -46.60
CA ALA D 90 9.12 -4.03 -45.74
C ALA D 90 8.38 -2.81 -45.15
N LYS D 91 7.07 -2.95 -44.93
CA LYS D 91 6.22 -1.98 -44.17
C LYS D 91 6.23 -2.38 -42.69
N SER D 92 6.27 -1.39 -41.78
CA SER D 92 6.20 -1.57 -40.31
C SER D 92 4.73 -1.79 -39.90
N SER D 93 4.51 -2.23 -38.65
CA SER D 93 3.17 -2.50 -38.07
C SER D 93 2.53 -1.18 -37.64
N GLN D 94 1.21 -1.18 -37.42
CA GLN D 94 0.45 0.05 -37.07
C GLN D 94 -0.82 -0.35 -36.30
N SER D 95 -1.44 0.60 -35.63
CA SER D 95 -2.75 0.44 -34.94
C SER D 95 -3.59 1.69 -35.15
N ALA D 96 -4.89 1.52 -35.40
CA ALA D 96 -5.92 2.58 -35.27
C ALA D 96 -6.44 2.52 -33.83
N ILE D 97 -6.43 3.66 -33.15
CA ILE D 97 -6.93 3.79 -31.76
C ILE D 97 -8.01 4.85 -31.73
N MET D 98 -9.19 4.49 -31.19
CA MET D 98 -10.29 5.42 -30.84
C MET D 98 -10.26 5.66 -29.32
N VAL D 99 -10.37 6.92 -28.92
CA VAL D 99 -10.19 7.38 -27.51
C VAL D 99 -11.39 8.26 -27.13
N ASP D 100 -12.16 7.84 -26.12
CA ASP D 100 -13.39 8.53 -25.65
C ASP D 100 -12.96 9.75 -24.82
N THR D 101 -13.92 10.60 -24.45
CA THR D 101 -13.75 11.81 -23.60
C THR D 101 -13.17 11.43 -22.23
N LYS D 102 -13.53 10.25 -21.71
CA LYS D 102 -13.16 9.75 -20.35
C LYS D 102 -11.78 9.06 -20.37
N GLY D 103 -11.12 8.93 -21.52
CA GLY D 103 -9.76 8.36 -21.64
C GLY D 103 -9.74 6.87 -21.98
N GLU D 104 -10.91 6.20 -22.06
CA GLU D 104 -11.03 4.76 -22.44
C GLU D 104 -10.71 4.60 -23.94
N ARG D 105 -10.02 3.52 -24.32
CA ARG D 105 -9.45 3.36 -25.68
C ARG D 105 -9.81 2.00 -26.27
N ILE D 106 -10.16 1.97 -27.56
CA ILE D 106 -10.23 0.74 -28.41
C ILE D 106 -9.04 0.76 -29.37
N ILE D 107 -8.21 -0.28 -29.35
CA ILE D 107 -6.96 -0.39 -30.15
C ILE D 107 -7.12 -1.54 -31.14
N ILE D 108 -6.98 -1.25 -32.44
CA ILE D 108 -7.11 -2.23 -33.55
C ILE D 108 -5.75 -2.28 -34.25
N ASN D 109 -5.01 -3.35 -33.96
CA ASN D 109 -3.59 -3.52 -34.34
C ASN D 109 -3.55 -4.27 -35.66
N TYR D 110 -2.70 -3.86 -36.59
CA TYR D 110 -2.35 -4.62 -37.82
C TYR D 110 -0.87 -4.97 -37.78
N PRO D 111 -0.53 -6.23 -37.46
CA PRO D 111 0.84 -6.71 -37.59
C PRO D 111 1.24 -6.84 -39.06
N SER D 112 2.31 -6.15 -39.48
CA SER D 112 2.85 -6.23 -40.87
C SER D 112 3.35 -7.64 -41.15
N PRO D 113 2.81 -8.32 -42.18
CA PRO D 113 3.27 -9.67 -42.50
C PRO D 113 4.70 -9.65 -43.10
N ASP D 114 5.21 -8.46 -43.44
CA ASP D 114 6.57 -8.26 -43.98
C ASP D 114 7.62 -8.54 -42.90
N LEU D 115 7.29 -8.31 -41.63
CA LEU D 115 8.15 -8.62 -40.44
C LEU D 115 7.94 -10.09 -40.07
N LEU D 116 8.87 -10.97 -40.45
CA LEU D 116 8.74 -12.44 -40.31
C LEU D 116 8.93 -12.82 -38.84
N PRO D 117 8.18 -13.81 -38.32
CA PRO D 117 8.30 -14.23 -36.92
C PRO D 117 9.64 -14.85 -36.49
N ASP D 118 10.43 -15.40 -37.42
CA ASP D 118 11.80 -15.92 -37.15
C ASP D 118 12.47 -15.04 -36.09
N ALA D 119 13.07 -15.67 -35.07
CA ALA D 119 13.72 -15.01 -33.92
C ALA D 119 15.11 -15.60 -33.64
N GLU D 120 15.66 -16.40 -34.57
CA GLU D 120 16.91 -17.16 -34.30
C GLU D 120 18.10 -16.18 -34.25
N TRP D 121 17.93 -14.99 -34.84
CA TRP D 121 18.87 -13.84 -34.77
C TRP D 121 19.27 -13.54 -33.32
N LEU D 122 18.37 -13.76 -32.34
CA LEU D 122 18.59 -13.40 -30.92
C LEU D 122 19.84 -14.11 -30.38
N GLU D 123 20.16 -15.34 -30.87
CA GLU D 123 21.25 -16.21 -30.35
C GLU D 123 22.62 -15.51 -30.45
N GLU D 124 22.79 -14.59 -31.41
CA GLU D 124 24.06 -13.84 -31.64
C GLU D 124 24.28 -12.80 -30.53
N ILE D 125 23.26 -12.48 -29.72
CA ILE D 125 23.31 -11.35 -28.74
C ILE D 125 23.65 -11.93 -27.36
N ASP D 126 24.48 -11.21 -26.57
CA ASP D 126 24.96 -11.64 -25.23
C ASP D 126 23.99 -11.16 -24.14
N PHE D 127 23.04 -11.99 -23.72
CA PHE D 127 21.96 -11.62 -22.78
C PHE D 127 22.51 -11.40 -21.35
N SER D 128 23.72 -11.88 -21.07
CA SER D 128 24.41 -11.70 -19.77
C SER D 128 24.51 -10.20 -19.44
N GLN D 129 24.48 -9.33 -20.45
CA GLN D 129 24.83 -7.90 -20.35
C GLN D 129 23.70 -7.07 -19.73
N TRP D 130 22.56 -7.68 -19.38
CA TRP D 130 21.38 -6.98 -18.82
C TRP D 130 20.97 -7.59 -17.47
N ASP D 131 20.35 -6.76 -16.63
CA ASP D 131 19.88 -7.15 -15.28
C ASP D 131 18.47 -7.73 -15.37
N VAL D 132 17.65 -7.28 -16.32
CA VAL D 132 16.23 -7.74 -16.49
C VAL D 132 15.88 -7.70 -17.98
N VAL D 133 15.07 -8.66 -18.43
CA VAL D 133 14.51 -8.69 -19.82
C VAL D 133 12.98 -8.71 -19.73
N LEU D 134 12.33 -7.61 -20.14
CA LEU D 134 10.86 -7.47 -20.28
C LEU D 134 10.48 -7.85 -21.71
N ALA D 135 9.43 -8.65 -21.90
CA ALA D 135 8.86 -8.97 -23.22
C ALA D 135 7.34 -8.79 -23.22
N ASP D 136 6.79 -8.41 -24.38
CA ASP D 136 5.33 -8.43 -24.63
C ASP D 136 5.01 -9.70 -25.42
N VAL D 137 3.73 -10.01 -25.55
CA VAL D 137 3.22 -11.31 -26.08
C VAL D 137 2.90 -11.18 -27.59
N ARG D 138 3.18 -10.04 -28.21
CA ARG D 138 2.77 -9.79 -29.63
C ARG D 138 3.81 -10.37 -30.59
N TRP D 139 5.07 -10.48 -30.18
CA TRP D 139 6.11 -11.21 -30.95
C TRP D 139 6.43 -12.50 -30.20
N HIS D 140 5.62 -13.54 -30.40
CA HIS D 140 5.65 -14.79 -29.61
C HIS D 140 7.05 -15.41 -29.67
N ASP D 141 7.63 -15.51 -30.86
CA ASP D 141 8.86 -16.32 -31.07
C ASP D 141 10.04 -15.57 -30.43
N GLY D 142 10.06 -14.23 -30.48
CA GLY D 142 11.07 -13.38 -29.81
C GLY D 142 10.96 -13.46 -28.29
N ALA D 143 9.74 -13.40 -27.76
CA ALA D 143 9.51 -13.53 -26.31
C ALA D 143 10.13 -14.84 -25.85
N LYS D 144 9.80 -15.95 -26.52
CA LYS D 144 10.20 -17.35 -26.14
C LYS D 144 11.73 -17.46 -26.21
N LYS D 145 12.36 -16.94 -27.27
CA LYS D 145 13.84 -17.04 -27.45
C LYS D 145 14.51 -16.22 -26.35
N ALA D 146 14.16 -14.95 -26.25
CA ALA D 146 14.79 -13.97 -25.34
C ALA D 146 14.71 -14.47 -23.89
N PHE D 147 13.60 -15.09 -23.49
CA PHE D 147 13.39 -15.60 -22.11
C PHE D 147 14.23 -16.86 -21.90
N THR D 148 14.32 -17.75 -22.88
CA THR D 148 15.18 -18.98 -22.77
C THR D 148 16.64 -18.56 -22.59
N LEU D 149 17.13 -17.66 -23.45
CA LEU D 149 18.52 -17.11 -23.37
C LEU D 149 18.73 -16.46 -22.00
N ALA D 150 17.83 -15.59 -21.58
CA ALA D 150 17.92 -14.83 -20.31
C ALA D 150 17.94 -15.79 -19.12
N ARG D 151 17.22 -16.92 -19.22
CA ARG D 151 17.14 -17.95 -18.13
C ARG D 151 18.47 -18.71 -18.09
N GLN D 152 18.96 -19.19 -19.24
CA GLN D 152 20.31 -19.82 -19.39
C GLN D 152 21.37 -18.92 -18.73
N ALA D 153 21.25 -17.60 -18.89
CA ALA D 153 22.21 -16.59 -18.38
C ALA D 153 21.93 -16.21 -16.91
N GLY D 154 20.83 -16.73 -16.33
CA GLY D 154 20.34 -16.38 -14.98
C GLY D 154 19.89 -14.92 -14.85
N VAL D 155 19.26 -14.37 -15.89
CA VAL D 155 18.73 -12.97 -15.91
C VAL D 155 17.24 -13.00 -15.62
N MET D 156 16.74 -11.99 -14.89
CA MET D 156 15.32 -11.82 -14.50
C MET D 156 14.47 -11.62 -15.76
N THR D 157 13.30 -12.26 -15.80
CA THR D 157 12.31 -12.17 -16.90
C THR D 157 11.00 -11.56 -16.38
N VAL D 158 10.49 -10.56 -17.09
CA VAL D 158 9.18 -9.90 -16.80
C VAL D 158 8.33 -9.94 -18.08
N LEU D 159 7.09 -10.45 -17.98
CA LEU D 159 6.13 -10.59 -19.10
C LEU D 159 4.98 -9.56 -18.96
N ASP D 160 4.62 -8.89 -20.06
CA ASP D 160 3.37 -8.10 -20.18
C ASP D 160 2.32 -9.03 -20.82
N GLY D 161 1.58 -9.78 -19.99
CA GLY D 161 0.64 -10.84 -20.43
C GLY D 161 -0.72 -10.32 -20.85
N ASP D 162 -0.84 -9.72 -22.04
CA ASP D 162 -2.04 -9.03 -22.58
C ASP D 162 -2.80 -9.96 -23.55
N ILE D 163 -3.89 -9.46 -24.15
CA ILE D 163 -4.76 -10.21 -25.13
C ILE D 163 -3.95 -10.35 -26.42
N THR D 164 -3.70 -11.59 -26.83
CA THR D 164 -3.10 -11.95 -28.13
C THR D 164 -3.83 -13.21 -28.60
N PRO D 165 -3.97 -13.43 -29.94
CA PRO D 165 -4.63 -14.63 -30.44
C PRO D 165 -3.98 -15.93 -29.96
N GLN D 166 -2.65 -16.01 -30.00
CA GLN D 166 -1.91 -17.26 -29.68
C GLN D 166 -1.97 -17.51 -28.17
N ASP D 167 -1.76 -18.76 -27.77
CA ASP D 167 -1.65 -19.25 -26.37
C ASP D 167 -0.27 -18.84 -25.81
N ILE D 168 -0.23 -18.10 -24.71
CA ILE D 168 1.04 -17.63 -24.06
C ILE D 168 1.41 -18.52 -22.85
N SER D 169 0.90 -19.76 -22.77
CA SER D 169 1.23 -20.70 -21.66
C SER D 169 2.74 -20.89 -21.56
N GLU D 170 3.40 -21.23 -22.67
CA GLU D 170 4.86 -21.50 -22.70
C GLU D 170 5.63 -20.25 -22.26
N LEU D 171 5.15 -19.04 -22.53
CA LEU D 171 5.83 -17.76 -22.16
C LEU D 171 5.72 -17.53 -20.64
N VAL D 172 4.55 -17.79 -20.04
CA VAL D 172 4.31 -17.57 -18.57
C VAL D 172 5.27 -18.46 -17.78
N ALA D 173 5.56 -19.66 -18.30
CA ALA D 173 6.46 -20.66 -17.67
C ALA D 173 7.91 -20.17 -17.68
N LEU D 174 8.30 -19.33 -18.63
CA LEU D 174 9.68 -18.80 -18.72
C LEU D 174 9.80 -17.49 -17.92
N SER D 175 8.71 -17.03 -17.30
CA SER D 175 8.61 -15.70 -16.63
C SER D 175 8.88 -15.82 -15.12
N ASP D 176 9.87 -15.09 -14.60
CA ASP D 176 10.10 -14.93 -13.14
C ASP D 176 8.97 -14.06 -12.55
N HIS D 177 8.43 -13.16 -13.35
CA HIS D 177 7.26 -12.28 -13.03
C HIS D 177 6.39 -12.13 -14.27
N ALA D 178 5.15 -12.61 -14.19
CA ALA D 178 4.15 -12.54 -15.28
C ALA D 178 3.04 -11.58 -14.86
N ALA D 179 3.00 -10.37 -15.41
CA ALA D 179 2.02 -9.32 -15.05
C ALA D 179 0.92 -9.25 -16.12
N PHE D 180 -0.21 -9.92 -15.88
CA PHE D 180 -1.32 -10.04 -16.86
C PHE D 180 -2.24 -8.82 -16.80
N SER D 181 -3.04 -8.67 -17.85
CA SER D 181 -4.25 -7.80 -17.96
C SER D 181 -5.52 -8.65 -17.78
N GLU D 182 -6.62 -8.06 -17.28
CA GLU D 182 -7.88 -8.81 -17.01
C GLU D 182 -8.19 -9.64 -18.25
N PRO D 183 -8.25 -9.03 -19.45
CA PRO D 183 -8.56 -9.80 -20.66
C PRO D 183 -7.49 -10.86 -20.97
N GLY D 184 -6.21 -10.50 -20.88
CA GLY D 184 -5.07 -11.39 -21.17
C GLY D 184 -5.16 -12.65 -20.32
N LEU D 185 -5.41 -12.47 -19.02
CA LEU D 185 -5.49 -13.57 -18.03
C LEU D 185 -6.71 -14.43 -18.35
N ALA D 186 -7.82 -13.80 -18.72
CA ALA D 186 -9.07 -14.51 -19.08
C ALA D 186 -8.81 -15.39 -20.30
N ARG D 187 -8.18 -14.87 -21.37
CA ARG D 187 -7.90 -15.64 -22.61
C ARG D 187 -7.03 -16.85 -22.24
N LEU D 188 -6.06 -16.67 -21.35
CA LEU D 188 -5.06 -17.72 -21.04
C LEU D 188 -5.75 -18.89 -20.34
N THR D 189 -6.58 -18.58 -19.34
CA THR D 189 -7.18 -19.55 -18.38
C THR D 189 -8.58 -19.95 -18.83
N GLY D 190 -9.23 -19.12 -19.64
CA GLY D 190 -10.68 -19.23 -19.92
C GLY D 190 -11.51 -19.12 -18.65
N VAL D 191 -11.06 -18.31 -17.69
CA VAL D 191 -11.80 -18.03 -16.42
C VAL D 191 -11.89 -16.51 -16.26
N LYS D 192 -13.11 -15.99 -16.13
CA LYS D 192 -13.40 -14.53 -16.15
C LYS D 192 -13.40 -13.98 -14.72
N GLU D 193 -13.40 -14.85 -13.69
CA GLU D 193 -13.32 -14.44 -12.26
C GLU D 193 -11.83 -14.34 -11.87
N MET D 194 -11.33 -13.12 -11.71
CA MET D 194 -9.88 -12.82 -11.63
C MET D 194 -9.21 -13.62 -10.49
N ALA D 195 -9.88 -13.84 -9.36
CA ALA D 195 -9.30 -14.58 -8.21
C ALA D 195 -8.88 -16.00 -8.64
N SER D 196 -9.82 -16.78 -9.14
CA SER D 196 -9.62 -18.19 -9.58
C SER D 196 -8.55 -18.24 -10.66
N ALA D 197 -8.60 -17.31 -11.62
CA ALA D 197 -7.69 -17.17 -12.77
C ALA D 197 -6.24 -17.06 -12.28
N LEU D 198 -5.97 -16.09 -11.42
CA LEU D 198 -4.61 -15.87 -10.85
C LEU D 198 -4.12 -17.20 -10.25
N LYS D 199 -5.00 -17.98 -9.60
CA LYS D 199 -4.65 -19.27 -8.96
C LYS D 199 -4.29 -20.28 -10.06
N GLN D 200 -5.11 -20.38 -11.11
CA GLN D 200 -4.86 -21.25 -12.28
C GLN D 200 -3.51 -20.84 -12.90
N ALA D 201 -3.30 -19.55 -13.14
CA ALA D 201 -2.07 -19.00 -13.77
C ALA D 201 -0.82 -19.40 -12.97
N GLN D 202 -0.89 -19.38 -11.65
CA GLN D 202 0.27 -19.62 -10.77
C GLN D 202 0.83 -21.02 -11.07
N THR D 203 -0.04 -21.98 -11.39
CA THR D 203 0.31 -23.41 -11.63
C THR D 203 1.24 -23.55 -12.83
N LEU D 204 1.31 -22.53 -13.69
CA LEU D 204 2.01 -22.57 -15.00
C LEU D 204 3.48 -22.15 -14.83
N THR D 205 3.87 -21.67 -13.65
CA THR D 205 5.17 -20.99 -13.48
C THR D 205 5.66 -21.09 -12.03
N ASN D 206 6.97 -21.21 -11.89
CA ASN D 206 7.70 -21.18 -10.61
C ASN D 206 7.88 -19.70 -10.21
N GLY D 207 7.54 -18.77 -11.09
CA GLY D 207 7.64 -17.31 -10.85
C GLY D 207 6.48 -16.76 -10.05
N HIS D 208 6.34 -15.42 -10.05
CA HIS D 208 5.21 -14.66 -9.45
C HIS D 208 4.21 -14.24 -10.55
N VAL D 209 2.92 -14.20 -10.22
CA VAL D 209 1.83 -13.79 -11.16
C VAL D 209 1.06 -12.59 -10.60
N TYR D 210 0.69 -11.64 -11.45
CA TYR D 210 -0.04 -10.39 -11.11
C TYR D 210 -1.13 -10.16 -12.15
N VAL D 211 -2.25 -9.53 -11.76
CA VAL D 211 -3.29 -9.08 -12.72
C VAL D 211 -3.60 -7.60 -12.45
N THR D 212 -3.60 -6.77 -13.48
CA THR D 212 -3.90 -5.32 -13.40
C THR D 212 -5.35 -5.16 -13.83
N GLN D 213 -6.14 -4.42 -13.03
CA GLN D 213 -7.60 -4.21 -13.23
C GLN D 213 -7.89 -2.70 -13.24
N GLY D 214 -7.05 -1.92 -13.92
CA GLY D 214 -7.23 -0.46 -14.09
C GLY D 214 -7.43 0.22 -12.76
N SER D 215 -8.66 0.69 -12.49
CA SER D 215 -9.06 1.48 -11.29
C SER D 215 -9.08 0.59 -10.04
N ALA D 216 -9.38 -0.70 -10.22
CA ALA D 216 -9.44 -1.71 -9.13
C ALA D 216 -8.04 -2.08 -8.68
N GLY D 217 -7.01 -1.56 -9.37
CA GLY D 217 -5.60 -1.67 -8.97
C GLY D 217 -4.98 -2.94 -9.50
N CYS D 218 -3.96 -3.43 -8.81
CA CYS D 218 -3.19 -4.64 -9.18
C CYS D 218 -3.28 -5.67 -8.05
N ASP D 219 -3.63 -6.91 -8.40
CA ASP D 219 -3.60 -8.07 -7.47
C ASP D 219 -2.40 -8.95 -7.82
N TRP D 220 -1.86 -9.67 -6.83
CA TRP D 220 -0.83 -10.72 -7.06
C TRP D 220 -0.79 -11.72 -5.90
N LEU D 221 -0.25 -12.91 -6.18
CA LEU D 221 -0.09 -14.02 -5.21
C LEU D 221 1.34 -14.00 -4.69
N GLU D 222 1.48 -14.06 -3.36
CA GLU D 222 2.76 -14.22 -2.63
C GLU D 222 2.59 -15.35 -1.61
N ASN D 223 3.23 -16.50 -1.88
CA ASN D 223 3.13 -17.77 -1.10
C ASN D 223 1.65 -18.05 -0.77
N GLY D 224 0.80 -18.19 -1.79
CA GLY D 224 -0.61 -18.58 -1.61
C GLY D 224 -1.47 -17.44 -1.11
N GLY D 225 -0.85 -16.37 -0.58
CA GLY D 225 -1.57 -15.20 -0.05
C GLY D 225 -1.95 -14.21 -1.14
N ARG D 226 -3.19 -13.72 -1.13
CA ARG D 226 -3.69 -12.59 -1.98
C ARG D 226 -3.08 -11.26 -1.49
N GLN D 227 -2.27 -10.59 -2.33
CA GLN D 227 -1.73 -9.24 -2.07
C GLN D 227 -2.33 -8.26 -3.10
N HIS D 228 -2.44 -6.98 -2.76
CA HIS D 228 -3.14 -5.94 -3.55
C HIS D 228 -2.48 -4.58 -3.36
N GLN D 229 -2.42 -3.79 -4.43
CA GLN D 229 -1.96 -2.38 -4.40
C GLN D 229 -3.03 -1.53 -5.09
N PRO D 230 -3.68 -0.61 -4.37
CA PRO D 230 -4.73 0.21 -4.96
C PRO D 230 -4.15 1.12 -6.04
N ALA D 231 -4.98 1.52 -7.00
CA ALA D 231 -4.63 2.51 -8.04
C ALA D 231 -4.67 3.90 -7.39
N PHE D 232 -3.75 4.81 -7.74
CA PHE D 232 -3.71 6.19 -7.20
C PHE D 232 -4.73 7.05 -7.93
N LYS D 233 -5.76 7.54 -7.20
CA LYS D 233 -6.79 8.47 -7.71
C LYS D 233 -6.08 9.77 -8.11
N VAL D 234 -6.06 10.10 -9.41
CA VAL D 234 -5.35 11.30 -9.97
C VAL D 234 -6.29 12.04 -10.94
N ASP D 235 -6.04 13.32 -11.24
CA ASP D 235 -6.84 14.10 -12.24
C ASP D 235 -6.33 13.72 -13.65
N VAL D 236 -6.96 12.73 -14.28
CA VAL D 236 -6.45 12.04 -15.50
C VAL D 236 -6.64 13.01 -16.68
N VAL D 237 -5.60 13.20 -17.48
CA VAL D 237 -5.61 14.04 -18.72
C VAL D 237 -5.42 13.15 -19.95
N ASP D 238 -4.36 12.33 -19.96
CA ASP D 238 -3.88 11.51 -21.11
C ASP D 238 -3.67 10.07 -20.67
N THR D 239 -4.41 9.12 -21.27
CA THR D 239 -4.39 7.68 -20.93
C THR D 239 -3.31 6.94 -21.77
N THR D 240 -2.44 7.67 -22.49
CA THR D 240 -1.50 7.14 -23.51
C THR D 240 -0.47 6.22 -22.86
N GLY D 241 -0.61 4.91 -23.06
CA GLY D 241 0.44 3.91 -22.79
C GLY D 241 0.59 3.62 -21.31
N ALA D 242 -0.46 3.88 -20.53
CA ALA D 242 -0.48 3.71 -19.06
C ALA D 242 -0.02 2.30 -18.71
N GLY D 243 -0.63 1.29 -19.36
CA GLY D 243 -0.37 -0.14 -19.08
C GLY D 243 1.08 -0.50 -19.38
N ASP D 244 1.58 -0.03 -20.52
CA ASP D 244 2.97 -0.23 -21.01
C ASP D 244 3.96 0.40 -20.01
N VAL D 245 3.67 1.62 -19.56
CA VAL D 245 4.53 2.38 -18.60
C VAL D 245 4.62 1.62 -17.28
N PHE D 246 3.49 1.08 -16.79
CA PHE D 246 3.42 0.24 -15.56
C PHE D 246 4.45 -0.90 -15.68
N HIS D 247 4.44 -1.65 -16.78
CA HIS D 247 5.30 -2.86 -16.94
C HIS D 247 6.76 -2.39 -16.93
N GLY D 248 7.06 -1.29 -17.63
CA GLY D 248 8.41 -0.68 -17.65
C GLY D 248 8.92 -0.39 -16.23
N ALA D 249 8.14 0.34 -15.45
CA ALA D 249 8.49 0.77 -14.07
C ALA D 249 8.61 -0.45 -13.16
N LEU D 250 7.69 -1.42 -13.30
CA LEU D 250 7.66 -2.65 -12.48
C LEU D 250 8.95 -3.46 -12.65
N ALA D 251 9.44 -3.56 -13.89
CA ALA D 251 10.67 -4.29 -14.23
C ALA D 251 11.87 -3.62 -13.56
N VAL D 252 11.99 -2.30 -13.71
CA VAL D 252 13.08 -1.47 -13.11
C VAL D 252 13.04 -1.61 -11.58
N ALA D 253 11.84 -1.51 -10.98
CA ALA D 253 11.67 -1.53 -9.51
C ALA D 253 12.01 -2.93 -9.00
N LEU D 254 11.55 -3.99 -9.69
CA LEU D 254 11.81 -5.40 -9.26
C LEU D 254 13.32 -5.67 -9.32
N ALA D 255 14.02 -5.14 -10.33
CA ALA D 255 15.48 -5.27 -10.49
C ALA D 255 16.24 -4.52 -9.39
N THR D 256 15.84 -3.28 -9.08
CA THR D 256 16.45 -2.38 -8.06
C THR D 256 16.17 -2.90 -6.63
N SER D 257 14.91 -3.16 -6.27
CA SER D 257 14.47 -3.43 -4.87
C SER D 257 14.33 -4.93 -4.55
N GLY D 258 13.83 -5.75 -5.47
CA GLY D 258 13.53 -7.15 -5.15
C GLY D 258 12.32 -7.28 -4.24
N ASP D 259 11.75 -6.13 -3.82
CA ASP D 259 10.52 -6.01 -2.98
C ASP D 259 9.31 -5.95 -3.90
N LEU D 260 8.45 -6.97 -3.88
CA LEU D 260 7.22 -7.01 -4.71
C LEU D 260 6.33 -5.81 -4.36
N ALA D 261 5.87 -5.74 -3.11
CA ALA D 261 4.95 -4.70 -2.61
C ALA D 261 5.44 -3.31 -2.99
N GLU D 262 6.71 -3.01 -2.71
CA GLU D 262 7.31 -1.68 -3.00
C GLU D 262 7.32 -1.47 -4.52
N SER D 263 7.73 -2.49 -5.28
CA SER D 263 7.85 -2.41 -6.76
C SER D 263 6.49 -2.04 -7.35
N VAL D 264 5.42 -2.75 -6.97
CA VAL D 264 4.06 -2.58 -7.57
C VAL D 264 3.51 -1.19 -7.23
N ARG D 265 3.67 -0.73 -5.99
CA ARG D 265 3.33 0.66 -5.56
C ARG D 265 4.05 1.67 -6.48
N PHE D 266 5.36 1.49 -6.66
CA PHE D 266 6.23 2.41 -7.44
C PHE D 266 5.73 2.52 -8.88
N ALA D 267 5.42 1.39 -9.50
CA ALA D 267 4.92 1.29 -10.90
C ALA D 267 3.57 2.02 -11.01
N SER D 268 2.64 1.70 -10.10
CA SER D 268 1.28 2.31 -10.02
C SER D 268 1.38 3.84 -9.92
N GLY D 269 2.45 4.33 -9.29
CA GLY D 269 2.75 5.77 -9.16
C GLY D 269 3.26 6.35 -10.46
N VAL D 270 4.25 5.70 -11.10
CA VAL D 270 4.82 6.20 -12.39
C VAL D 270 3.64 6.35 -13.34
N ALA D 271 2.80 5.32 -13.43
CA ALA D 271 1.63 5.27 -14.34
C ALA D 271 0.68 6.43 -13.99
N ALA D 272 0.34 6.58 -12.71
CA ALA D 272 -0.59 7.63 -12.21
C ALA D 272 -0.05 9.02 -12.58
N LEU D 273 1.21 9.30 -12.26
CA LEU D 273 1.83 10.62 -12.57
C LEU D 273 1.75 10.86 -14.08
N LYS D 274 2.02 9.85 -14.92
CA LYS D 274 1.99 9.98 -16.41
C LYS D 274 0.60 10.40 -16.84
N CYS D 275 -0.46 9.90 -16.19
CA CYS D 275 -1.88 10.17 -16.54
C CYS D 275 -2.20 11.65 -16.32
N THR D 276 -1.47 12.33 -15.40
CA THR D 276 -1.70 13.76 -15.05
C THR D 276 -1.01 14.63 -16.11
N ARG D 277 0.29 14.40 -16.32
CA ARG D 277 1.13 15.17 -17.28
C ARG D 277 0.68 14.76 -18.69
N PRO D 278 0.45 15.70 -19.63
CA PRO D 278 0.09 15.36 -21.00
C PRO D 278 1.32 15.11 -21.90
N GLY D 279 1.08 14.63 -23.13
CA GLY D 279 2.09 14.40 -24.17
C GLY D 279 2.52 12.93 -24.27
N GLY D 280 1.72 12.01 -23.73
CA GLY D 280 2.00 10.56 -23.70
C GLY D 280 3.37 10.29 -23.13
N ARG D 281 4.34 9.99 -23.99
CA ARG D 281 5.72 9.60 -23.59
C ARG D 281 6.45 10.81 -22.97
N ALA D 282 5.96 12.02 -23.20
CA ALA D 282 6.54 13.27 -22.63
C ALA D 282 6.07 13.45 -21.20
N GLY D 283 4.99 12.76 -20.80
CA GLY D 283 4.38 12.82 -19.46
C GLY D 283 5.03 11.88 -18.45
N ILE D 284 5.93 10.98 -18.88
CA ILE D 284 6.49 9.91 -18.01
C ILE D 284 7.50 10.58 -17.08
N PRO D 285 7.34 10.44 -15.75
CA PRO D 285 8.27 11.04 -14.77
C PRO D 285 9.58 10.25 -14.61
N ASP D 286 10.45 10.67 -13.68
CA ASP D 286 11.76 10.03 -13.38
C ASP D 286 11.75 9.52 -11.93
N CYS D 287 12.74 8.69 -11.55
CA CYS D 287 12.75 7.98 -10.23
C CYS D 287 12.53 9.04 -9.14
N ASP D 288 13.02 10.27 -9.36
CA ASP D 288 12.96 11.40 -8.39
C ASP D 288 11.54 11.99 -8.35
N GLN D 289 11.02 12.48 -9.47
CA GLN D 289 9.67 13.09 -9.56
C GLN D 289 8.64 12.12 -9.00
N THR D 290 8.86 10.82 -9.18
CA THR D 290 7.95 9.73 -8.77
C THR D 290 7.98 9.60 -7.24
N ARG D 291 9.17 9.32 -6.70
CA ARG D 291 9.42 9.14 -5.24
C ARG D 291 8.76 10.31 -4.49
N SER D 292 8.93 11.52 -5.02
CA SER D 292 8.35 12.78 -4.50
C SER D 292 6.81 12.70 -4.49
N PHE D 293 6.18 12.48 -5.64
CA PHE D 293 4.70 12.35 -5.81
C PHE D 293 4.18 11.29 -4.85
N LEU D 294 4.88 10.16 -4.71
CA LEU D 294 4.44 9.01 -3.85
C LEU D 294 4.44 9.44 -2.38
N SER D 295 5.40 10.27 -1.97
CA SER D 295 5.55 10.72 -0.56
C SER D 295 4.44 11.73 -0.22
N LEU D 296 3.89 12.42 -1.21
CA LEU D 296 3.05 13.63 -1.00
C LEU D 296 1.63 13.23 -0.61
N PHE D 297 1.27 11.94 -0.69
CA PHE D 297 -0.15 11.51 -0.61
C PHE D 297 -0.65 11.47 0.84
N VAL D 298 0.13 10.84 1.74
CA VAL D 298 -0.19 10.79 3.20
C VAL D 298 -0.55 12.22 3.65
N LEU D 299 -0.03 13.27 2.99
CA LEU D 299 -0.22 14.70 3.40
C LEU D 299 -1.49 15.33 2.76
N GLU D 300 -2.12 14.67 1.78
CA GLU D 300 -3.39 15.12 1.10
C GLU D 300 -4.56 14.23 1.53
#